data_9LDR
#
_entry.id   9LDR
#
_cell.length_a   1.00
_cell.length_b   1.00
_cell.length_c   1.00
_cell.angle_alpha   90.00
_cell.angle_beta   90.00
_cell.angle_gamma   90.00
#
_symmetry.space_group_name_H-M   'P 1'
#
loop_
_entity.id
_entity.type
_entity.pdbx_description
1 polymer 'Y+L amino acid transporter 2'
2 polymer 'Amino acid transporter heavy chain SLC3A2'
3 non-polymer LEUCINE
#
loop_
_entity_poly.entity_id
_entity_poly.type
_entity_poly.pdbx_seq_one_letter_code
_entity_poly.pdbx_strand_id
1 'polypeptide(L)'
;DYKDDDDKSGPDEVDASGRMEAREPGRPTPTYHLVPNTSQSQVEEDVSSPPQRSSETMQLKKEISLLNGVSLVVGNMIGS
GIFVSPKGVLVHTASYGMSLIVWAIGGLFSVVGALCYAELGTTITKSGASYAYILEAFGGFIAFIRLWVSLLVVEPTGQA
IIAITFANYIIQPSFPSCDPPYLACRLLAAACICLLTFVNCAYVKWGTRVQDTFTYAKVVALIAIIVMGLVKLCQGHSEH
FQDAFEGSSWDMGNLSLALYSALFSYSGWDTLNFVTEEIKNPERNLPLAIGISMPIVTLIYILTNVAYYTVLNISDVLSS
DAVAVTFADQTFGMFSWTIPIAVALSCFGGLNASIFASSRLFFVGSREGHLPDLLSMIHIERFTPIPALLFNCTMALIYL
IVEDVFQLINYFSFSYWFFVGLSVVGQLYLRWKEPKRPRPLKLSVFFPIVFCICSVFLVIVPLFTDTINSLIGIGIALSG
VPFYFMGVYLPESRRPLFIRNVLAAITRGTQQLCFCVLTELDVAEEKKDERKTD
;
A
2 'polypeptide(L)'
;HHHHHHHHHHSGRELQPPEASIAVVSIPRQLPGSHSEAGVQGLSAGDDSELGSHCVAQTGLELLASGDPLPSASQNAEMI
ETGSDCVTQAGLQLLASSDPPALASKNAEVTGTMSQDTEVDMKEVELNELEPEKQPMNAASGAAMSLAGAEKNGLVKIKV
AEDEAEAAAAAKFTGLSKEELLKVAGSPGWVRTRWALLLLFWLGWLGMLAGAVVIIVRAPRCRELPAQKWWHTGALYRIG
DLQAFQGHGAGNLAGLKGRLDYLSSLKVKGLVLGPIHKNQKDDVAQTDLLQIDPNFGSKEDFDSLLQSAKKKSIRVILDL
TPNYRGENSWFSTQVDTVATKVKDALEFWLQAGVDGFQVRDIENLKDASSFLAEWQNITKGFSEDRLLIAGTNSSDLQQI
LSLLESNKDLLLTSSYLSDSGSTGEHTKSLVTQYLNATGNRWCSWSLSQARLLTSFLPAQLLRLYQLMLFTLPGTPVFSY
GDEIGLDAAALPGQPMEAPVMLWDESSFPDIPGAVSANMTVKGQSEDPGSLLSLFRRLSDQRSKERSLLHGDFHAFSAGP
GLFSYIRHWDQNERFLVVLNFGDVGLSAGLQASDLPASASLPAKADLLLSTQPGREEGSPLELERLKLEPHEGLLLRFPY
AATGA
;
B
#
# COMPACT_ATOMS: atom_id res chain seq x y z
N MET A 58 46.04 2.12 21.34
CA MET A 58 44.92 2.97 20.96
C MET A 58 44.48 2.73 19.52
N GLN A 59 45.02 1.70 18.88
CA GLN A 59 44.55 1.30 17.58
C GLN A 59 43.11 0.84 17.73
N LEU A 60 42.39 0.77 16.61
CA LEU A 60 41.02 0.29 16.65
C LEU A 60 41.06 -1.21 16.53
N LYS A 61 40.60 -1.91 17.55
CA LYS A 61 40.68 -3.37 17.56
C LYS A 61 40.09 -4.02 16.31
N LYS A 62 40.86 -4.91 15.68
CA LYS A 62 40.34 -5.64 14.54
C LYS A 62 39.58 -6.82 15.11
N GLU A 63 38.38 -6.56 15.62
CA GLU A 63 37.62 -7.61 16.28
C GLU A 63 36.59 -8.16 15.31
N ILE A 64 36.27 -7.39 14.27
CA ILE A 64 35.24 -7.82 13.32
C ILE A 64 35.49 -9.23 12.82
N SER A 65 34.47 -10.07 12.89
CA SER A 65 34.62 -11.46 12.44
C SER A 65 33.81 -11.74 11.19
N LEU A 66 34.08 -12.87 10.54
CA LEU A 66 33.33 -13.25 9.36
C LEU A 66 31.85 -13.33 9.69
N LEU A 67 31.51 -14.12 10.70
CA LEU A 67 30.11 -14.23 11.12
C LEU A 67 29.55 -12.85 11.29
N ASN A 68 30.13 -12.08 12.21
CA ASN A 68 29.68 -10.72 12.43
C ASN A 68 29.56 -9.96 11.11
N GLY A 69 30.43 -10.24 10.15
CA GLY A 69 30.32 -9.58 8.86
C GLY A 69 29.11 -10.05 8.07
N VAL A 70 28.89 -11.36 8.03
CA VAL A 70 27.67 -11.88 7.40
C VAL A 70 26.44 -11.26 8.04
N SER A 71 26.48 -11.11 9.36
CA SER A 71 25.33 -10.53 10.06
C SER A 71 25.13 -9.08 9.65
N LEU A 72 26.20 -8.28 9.58
CA LEU A 72 26.02 -6.90 9.14
C LEU A 72 25.39 -6.84 7.76
N VAL A 73 25.96 -7.54 6.78
CA VAL A 73 25.46 -7.41 5.41
C VAL A 73 24.00 -7.87 5.33
N VAL A 74 23.69 -9.06 5.85
CA VAL A 74 22.31 -9.56 5.77
C VAL A 74 21.38 -8.69 6.58
N GLY A 75 21.61 -8.59 7.89
CA GLY A 75 20.69 -7.87 8.74
C GLY A 75 20.56 -6.40 8.39
N ASN A 76 21.40 -5.91 7.47
CA ASN A 76 21.16 -4.55 6.98
C ASN A 76 20.48 -4.55 5.62
N MET A 77 20.55 -5.64 4.87
CA MET A 77 19.80 -5.68 3.61
C MET A 77 18.31 -5.94 3.85
N ILE A 78 17.99 -7.02 4.55
CA ILE A 78 16.60 -7.38 4.83
C ILE A 78 16.04 -6.50 5.94
N GLY A 79 15.31 -5.47 5.58
CA GLY A 79 14.72 -4.60 6.57
C GLY A 79 13.20 -4.64 6.56
N SER A 80 12.58 -3.52 6.28
CA SER A 80 11.16 -3.51 5.97
C SER A 80 10.89 -3.28 4.50
N GLY A 81 11.86 -3.52 3.64
CA GLY A 81 11.61 -3.47 2.21
C GLY A 81 10.90 -4.71 1.71
N ILE A 82 10.88 -5.78 2.51
CA ILE A 82 10.21 -7.01 2.14
C ILE A 82 8.99 -7.29 3.00
N PHE A 83 8.89 -6.71 4.19
CA PHE A 83 7.77 -6.98 5.07
C PHE A 83 6.56 -6.10 4.78
N VAL A 84 6.75 -4.82 4.49
CA VAL A 84 5.64 -3.89 4.40
C VAL A 84 5.50 -3.22 3.04
N SER A 85 6.36 -3.50 2.07
CA SER A 85 6.19 -2.92 0.75
C SER A 85 6.84 -3.75 -0.34
N PRO A 86 6.42 -4.99 -0.56
CA PRO A 86 6.96 -5.76 -1.68
C PRO A 86 6.18 -5.57 -2.95
N LYS A 87 5.35 -4.53 -3.01
CA LYS A 87 4.52 -4.27 -4.18
C LYS A 87 5.08 -3.20 -5.09
N GLY A 88 6.40 -3.14 -5.24
CA GLY A 88 6.97 -2.23 -6.22
C GLY A 88 7.07 -2.87 -7.59
N VAL A 89 7.53 -4.12 -7.63
CA VAL A 89 7.61 -4.83 -8.90
C VAL A 89 6.22 -5.14 -9.42
N LEU A 90 5.34 -5.60 -8.54
CA LEU A 90 4.07 -6.18 -8.97
C LEU A 90 3.17 -5.16 -9.67
N VAL A 91 3.16 -3.92 -9.18
CA VAL A 91 2.21 -2.96 -9.72
C VAL A 91 2.53 -2.60 -11.16
N HIS A 92 3.81 -2.56 -11.53
CA HIS A 92 4.22 -2.23 -12.88
C HIS A 92 4.41 -3.46 -13.75
N THR A 93 3.86 -4.60 -13.35
CA THR A 93 4.11 -5.86 -14.04
C THR A 93 2.80 -6.60 -14.26
N ALA A 94 1.81 -6.34 -13.40
CA ALA A 94 0.43 -6.78 -13.58
C ALA A 94 0.29 -8.29 -13.70
N SER A 95 1.33 -9.05 -13.38
CA SER A 95 1.22 -10.50 -13.39
C SER A 95 2.04 -11.05 -12.24
N TYR A 96 2.04 -12.38 -12.12
CA TYR A 96 2.83 -12.99 -11.06
C TYR A 96 4.19 -13.45 -11.56
N GLY A 97 4.21 -14.36 -12.54
CA GLY A 97 5.48 -14.92 -12.99
C GLY A 97 6.47 -13.86 -13.41
N MET A 98 6.00 -12.82 -14.08
CA MET A 98 6.90 -11.76 -14.49
C MET A 98 7.49 -11.01 -13.30
N SER A 99 6.77 -10.93 -12.19
CA SER A 99 7.32 -10.29 -11.00
C SER A 99 8.44 -11.12 -10.39
N LEU A 100 8.24 -12.43 -10.26
CA LEU A 100 9.33 -13.28 -9.79
C LEU A 100 10.54 -13.16 -10.70
N ILE A 101 10.32 -13.08 -12.02
CA ILE A 101 11.45 -13.02 -12.93
C ILE A 101 12.21 -11.71 -12.76
N VAL A 102 11.49 -10.59 -12.60
CA VAL A 102 12.20 -9.33 -12.41
C VAL A 102 12.92 -9.30 -11.06
N TRP A 103 12.37 -9.95 -10.04
CA TRP A 103 13.10 -10.11 -8.79
C TRP A 103 14.44 -10.80 -9.03
N ALA A 104 14.41 -11.94 -9.73
CA ALA A 104 15.65 -12.68 -9.95
C ALA A 104 16.67 -11.85 -10.72
N ILE A 105 16.22 -11.12 -11.73
CA ILE A 105 17.16 -10.33 -12.53
C ILE A 105 17.79 -9.22 -11.70
N GLY A 106 16.98 -8.49 -10.92
CA GLY A 106 17.54 -7.49 -10.03
C GLY A 106 18.56 -8.08 -9.08
N GLY A 107 18.27 -9.27 -8.55
CA GLY A 107 19.22 -9.93 -7.68
C GLY A 107 20.53 -10.22 -8.36
N LEU A 108 20.49 -10.64 -9.62
CA LEU A 108 21.71 -10.94 -10.35
C LEU A 108 22.56 -9.68 -10.52
N PHE A 109 21.93 -8.59 -10.94
CA PHE A 109 22.71 -7.36 -11.13
C PHE A 109 23.33 -6.87 -9.83
N SER A 110 22.59 -6.93 -8.72
CA SER A 110 23.19 -6.48 -7.47
C SER A 110 24.29 -7.43 -7.00
N VAL A 111 24.19 -8.73 -7.29
CA VAL A 111 25.29 -9.64 -6.97
C VAL A 111 26.56 -9.20 -7.67
N VAL A 112 26.45 -8.85 -8.95
CA VAL A 112 27.62 -8.40 -9.69
C VAL A 112 28.20 -7.14 -9.04
N GLY A 113 27.34 -6.20 -8.67
CA GLY A 113 27.82 -5.02 -7.96
C GLY A 113 28.57 -5.36 -6.69
N ALA A 114 28.07 -6.35 -5.93
CA ALA A 114 28.70 -6.68 -4.66
C ALA A 114 30.07 -7.30 -4.87
N LEU A 115 30.25 -8.09 -5.93
CA LEU A 115 31.58 -8.60 -6.21
C LEU A 115 32.53 -7.47 -6.60
N CYS A 116 32.02 -6.47 -7.31
CA CYS A 116 32.85 -5.30 -7.63
C CYS A 116 33.35 -4.60 -6.36
N TYR A 117 32.45 -4.39 -5.38
CA TYR A 117 32.92 -3.79 -4.13
C TYR A 117 33.82 -4.70 -3.31
N ALA A 118 33.64 -6.01 -3.34
CA ALA A 118 34.63 -6.86 -2.70
C ALA A 118 36.00 -6.60 -3.27
N GLU A 119 36.08 -6.49 -4.60
CA GLU A 119 37.37 -6.19 -5.24
C GLU A 119 37.95 -4.86 -4.76
N LEU A 120 37.16 -3.79 -4.79
CA LEU A 120 37.66 -2.50 -4.30
C LEU A 120 38.13 -2.57 -2.86
N GLY A 121 37.27 -3.07 -1.97
CA GLY A 121 37.59 -3.08 -0.56
C GLY A 121 38.84 -3.87 -0.24
N THR A 122 39.10 -4.93 -1.00
CA THR A 122 40.34 -5.65 -0.74
C THR A 122 41.51 -5.09 -1.55
N THR A 123 41.26 -4.13 -2.44
CA THR A 123 42.37 -3.45 -3.10
C THR A 123 42.92 -2.30 -2.27
N ILE A 124 42.05 -1.46 -1.72
CA ILE A 124 42.49 -0.28 -0.98
C ILE A 124 42.71 -0.58 0.51
N THR A 125 41.79 -1.30 1.14
CA THR A 125 41.85 -1.59 2.58
C THR A 125 41.87 -0.30 3.41
N LYS A 126 40.77 0.44 3.32
CA LYS A 126 40.56 1.63 4.14
C LYS A 126 39.07 1.75 4.41
N SER A 127 38.71 2.27 5.57
CA SER A 127 37.30 2.41 5.88
C SER A 127 36.67 3.51 5.04
N GLY A 128 35.35 3.62 5.12
CA GLY A 128 34.64 4.67 4.43
C GLY A 128 33.76 4.14 3.33
N ALA A 129 34.28 3.20 2.55
CA ALA A 129 33.52 2.31 1.69
C ALA A 129 32.91 2.95 0.45
N SER A 130 32.82 4.26 0.41
CA SER A 130 32.65 4.99 -0.84
C SER A 130 33.41 6.28 -0.84
N TYR A 131 33.92 6.70 0.31
CA TYR A 131 34.64 7.93 0.52
C TYR A 131 36.13 7.73 0.40
N ALA A 132 36.66 6.62 0.94
CA ALA A 132 38.08 6.35 0.75
C ALA A 132 38.39 6.05 -0.70
N TYR A 133 37.48 5.37 -1.40
CA TYR A 133 37.75 4.98 -2.79
C TYR A 133 37.65 6.18 -3.73
N ILE A 134 36.52 6.88 -3.69
CA ILE A 134 36.39 8.17 -4.37
C ILE A 134 37.57 9.06 -4.05
N LEU A 135 38.05 9.06 -2.80
CA LEU A 135 39.16 9.94 -2.47
C LEU A 135 40.43 9.48 -3.19
N GLU A 136 40.88 8.28 -2.88
CA GLU A 136 42.11 7.77 -3.49
C GLU A 136 42.05 7.75 -5.01
N ALA A 137 40.84 7.66 -5.57
CA ALA A 137 40.73 7.56 -7.01
C ALA A 137 40.32 8.86 -7.67
N PHE A 138 39.30 9.53 -7.14
CA PHE A 138 38.80 10.74 -7.81
C PHE A 138 38.86 12.03 -6.98
N GLY A 139 39.79 12.14 -6.05
CA GLY A 139 39.95 13.40 -5.32
C GLY A 139 39.31 13.59 -3.95
N GLY A 140 39.72 14.64 -3.26
CA GLY A 140 39.20 14.92 -1.93
C GLY A 140 38.04 15.90 -1.90
N PHE A 141 37.99 16.82 -2.86
CA PHE A 141 36.84 17.73 -2.95
C PHE A 141 35.69 16.82 -3.26
N ILE A 142 35.79 16.08 -4.35
CA ILE A 142 34.79 15.06 -4.65
C ILE A 142 34.51 14.23 -3.41
N ALA A 143 35.57 13.80 -2.73
CA ALA A 143 35.37 13.10 -1.47
C ALA A 143 34.61 13.98 -0.49
N PHE A 144 34.86 15.29 -0.51
CA PHE A 144 34.18 16.17 0.43
C PHE A 144 32.72 16.35 0.07
N ILE A 145 32.39 16.36 -1.22
CA ILE A 145 30.98 16.37 -1.61
C ILE A 145 30.27 15.14 -1.04
N ARG A 146 30.90 13.98 -1.17
CA ARG A 146 30.29 12.76 -0.64
C ARG A 146 30.08 12.86 0.87
N LEU A 147 31.13 13.27 1.58
CA LEU A 147 31.03 13.38 3.03
C LEU A 147 29.96 14.39 3.44
N TRP A 148 29.84 15.49 2.69
CA TRP A 148 28.88 16.52 3.07
C TRP A 148 27.46 16.04 2.88
N VAL A 149 27.16 15.40 1.74
CA VAL A 149 25.79 14.96 1.54
C VAL A 149 25.43 13.87 2.55
N SER A 150 26.35 12.96 2.85
CA SER A 150 26.02 11.88 3.78
C SER A 150 26.02 12.36 5.23
N LEU A 151 26.66 13.51 5.48
CA LEU A 151 26.57 14.12 6.80
C LEU A 151 25.24 14.81 6.98
N LEU A 152 24.76 15.49 5.93
CA LEU A 152 23.62 16.38 6.07
C LEU A 152 22.28 15.69 5.92
N VAL A 153 22.10 14.83 4.92
CA VAL A 153 20.75 14.33 4.65
C VAL A 153 20.65 12.83 4.45
N VAL A 154 21.72 12.08 4.19
CA VAL A 154 21.54 10.69 3.79
C VAL A 154 21.50 9.76 4.99
N GLU A 155 22.37 9.97 5.96
CA GLU A 155 22.40 9.07 7.11
C GLU A 155 21.38 9.42 8.19
N PRO A 156 21.27 10.68 8.62
CA PRO A 156 20.29 10.99 9.67
C PRO A 156 18.87 10.64 9.28
N THR A 157 18.50 10.81 8.02
CA THR A 157 17.15 10.46 7.60
C THR A 157 16.94 8.95 7.59
N GLY A 158 17.93 8.18 7.10
CA GLY A 158 17.82 6.74 7.19
C GLY A 158 17.57 6.26 8.61
N GLN A 159 18.36 6.77 9.56
CA GLN A 159 18.20 6.30 10.94
C GLN A 159 16.89 6.80 11.54
N ALA A 160 16.50 8.04 11.27
CA ALA A 160 15.26 8.55 11.83
C ALA A 160 14.08 7.73 11.34
N ILE A 161 14.08 7.35 10.07
CA ILE A 161 12.93 6.64 9.53
C ILE A 161 12.89 5.20 10.02
N ILE A 162 14.05 4.57 10.19
CA ILE A 162 14.01 3.20 10.72
C ILE A 162 13.56 3.20 12.17
N ALA A 163 13.97 4.19 12.96
CA ALA A 163 13.48 4.26 14.33
C ALA A 163 11.98 4.52 14.36
N ILE A 164 11.49 5.42 13.50
CA ILE A 164 10.06 5.72 13.48
C ILE A 164 9.25 4.50 13.09
N THR A 165 9.71 3.71 12.10
CA THR A 165 8.96 2.52 11.71
C THR A 165 8.99 1.45 12.80
N PHE A 166 10.12 1.28 13.47
CA PHE A 166 10.14 0.42 14.66
C PHE A 166 9.07 0.85 15.65
N ALA A 167 9.00 2.14 15.96
CA ALA A 167 8.00 2.63 16.89
C ALA A 167 6.59 2.35 16.40
N ASN A 168 6.34 2.57 15.10
CA ASN A 168 5.02 2.31 14.53
C ASN A 168 4.61 0.86 14.75
N TYR A 169 5.54 -0.06 14.56
CA TYR A 169 5.18 -1.47 14.53
C TYR A 169 5.30 -2.17 15.88
N ILE A 170 5.82 -1.50 16.90
CA ILE A 170 5.85 -2.15 18.20
C ILE A 170 4.51 -2.06 18.92
N ILE A 171 3.77 -0.96 18.73
CA ILE A 171 2.49 -0.77 19.40
C ILE A 171 1.30 -1.05 18.50
N GLN A 172 1.53 -1.61 17.32
CA GLN A 172 0.42 -1.81 16.38
C GLN A 172 -0.61 -2.81 16.88
N PRO A 173 -0.27 -3.95 17.47
CA PRO A 173 -1.32 -4.85 17.98
C PRO A 173 -2.32 -4.18 18.90
N SER A 174 -1.99 -3.08 19.54
CA SER A 174 -2.97 -2.38 20.38
C SER A 174 -3.83 -1.42 19.59
N PHE A 175 -3.42 -1.03 18.38
CA PHE A 175 -4.17 -0.12 17.52
C PHE A 175 -4.25 -0.74 16.13
N PRO A 176 -4.98 -1.84 15.98
CA PRO A 176 -4.85 -2.64 14.76
C PRO A 176 -5.44 -2.00 13.52
N SER A 177 -6.60 -1.35 13.65
CA SER A 177 -7.28 -0.77 12.51
C SER A 177 -7.05 0.74 12.38
N CYS A 178 -6.88 1.42 13.50
CA CYS A 178 -6.75 2.87 13.47
C CYS A 178 -5.29 3.30 13.43
N ASP A 179 -5.05 4.60 13.55
CA ASP A 179 -3.69 5.13 13.55
C ASP A 179 -3.20 5.30 14.98
N PRO A 180 -2.05 4.72 15.34
CA PRO A 180 -1.46 4.97 16.66
C PRO A 180 -1.04 6.41 16.80
N PRO A 181 -0.95 6.94 18.03
CA PRO A 181 -0.74 8.38 18.20
C PRO A 181 0.60 8.85 17.67
N TYR A 182 0.84 10.16 17.78
CA TYR A 182 2.04 10.75 17.19
C TYR A 182 3.10 10.99 18.26
N LEU A 183 2.70 11.53 19.41
CA LEU A 183 3.64 11.74 20.50
C LEU A 183 4.30 10.43 20.90
N ALA A 184 3.52 9.36 21.01
CA ALA A 184 4.08 8.09 21.45
C ALA A 184 5.07 7.54 20.44
N CYS A 185 4.80 7.73 19.16
CA CYS A 185 5.71 7.24 18.14
C CYS A 185 7.05 7.97 18.20
N ARG A 186 7.01 9.31 18.32
CA ARG A 186 8.28 10.02 18.41
C ARG A 186 9.03 9.70 19.70
N LEU A 187 8.32 9.50 20.81
CA LEU A 187 9.03 9.21 22.05
C LEU A 187 9.67 7.83 22.01
N LEU A 188 8.98 6.83 21.48
CA LEU A 188 9.62 5.52 21.38
C LEU A 188 10.79 5.54 20.40
N ALA A 189 10.71 6.31 19.32
CA ALA A 189 11.85 6.37 18.42
C ALA A 189 13.07 6.99 19.09
N ALA A 190 12.89 8.11 19.80
CA ALA A 190 14.03 8.73 20.48
C ALA A 190 14.60 7.81 21.55
N ALA A 191 13.76 7.09 22.27
CA ALA A 191 14.27 6.17 23.27
C ALA A 191 15.09 5.06 22.63
N CYS A 192 14.64 4.53 21.50
CA CYS A 192 15.42 3.51 20.80
C CYS A 192 16.79 4.02 20.39
N ILE A 193 16.84 5.20 19.77
CA ILE A 193 18.13 5.70 19.29
C ILE A 193 19.09 5.92 20.46
N CYS A 194 18.60 6.49 21.56
CA CYS A 194 19.47 6.67 22.71
C CYS A 194 20.00 5.34 23.23
N LEU A 195 19.13 4.34 23.34
CA LEU A 195 19.59 3.07 23.86
C LEU A 195 20.67 2.46 22.99
N LEU A 196 20.51 2.53 21.66
CA LEU A 196 21.49 1.89 20.79
C LEU A 196 22.81 2.65 20.78
N THR A 197 22.77 3.97 20.79
CA THR A 197 24.02 4.72 20.86
C THR A 197 24.76 4.44 22.17
N PHE A 198 24.04 4.17 23.26
CA PHE A 198 24.76 3.78 24.47
C PHE A 198 25.36 2.39 24.31
N VAL A 199 24.58 1.42 23.85
CA VAL A 199 25.10 0.06 23.72
C VAL A 199 26.34 0.06 22.85
N ASN A 200 26.43 0.97 21.88
CA ASN A 200 27.59 0.96 20.98
C ASN A 200 28.71 1.88 21.48
N CYS A 201 28.42 2.78 22.41
CA CYS A 201 29.49 3.58 23.01
C CYS A 201 30.09 2.89 24.22
N ALA A 202 29.51 1.78 24.66
CA ALA A 202 30.12 1.03 25.75
C ALA A 202 31.27 0.18 25.26
N TYR A 203 30.98 -0.81 24.40
CA TYR A 203 32.00 -1.70 23.85
C TYR A 203 31.66 -1.93 22.40
N VAL A 204 32.43 -2.79 21.73
CA VAL A 204 32.10 -3.15 20.35
C VAL A 204 31.51 -4.55 20.31
N LYS A 205 31.96 -5.43 21.20
CA LYS A 205 31.35 -6.75 21.28
C LYS A 205 29.88 -6.67 21.64
N TRP A 206 29.45 -5.60 22.33
CA TRP A 206 28.02 -5.42 22.58
C TRP A 206 27.28 -5.13 21.29
N GLY A 207 27.83 -4.26 20.45
CA GLY A 207 27.23 -4.03 19.15
C GLY A 207 27.12 -5.29 18.32
N THR A 208 28.17 -6.10 18.31
CA THR A 208 28.08 -7.33 17.54
C THR A 208 27.13 -8.35 18.16
N ARG A 209 26.99 -8.40 19.49
CA ARG A 209 26.04 -9.36 20.06
C ARG A 209 24.61 -8.95 19.75
N VAL A 210 24.33 -7.63 19.78
CA VAL A 210 23.01 -7.15 19.40
C VAL A 210 22.73 -7.52 17.95
N GLN A 211 23.71 -7.27 17.06
CA GLN A 211 23.51 -7.59 15.65
C GLN A 211 23.21 -9.06 15.45
N ASP A 212 24.01 -9.93 16.05
CA ASP A 212 23.77 -11.37 15.88
C ASP A 212 22.39 -11.75 16.35
N THR A 213 22.01 -11.33 17.56
CA THR A 213 20.70 -11.69 18.09
C THR A 213 19.58 -11.29 17.15
N PHE A 214 19.58 -10.03 16.71
CA PHE A 214 18.39 -9.57 16.01
C PHE A 214 18.37 -9.99 14.54
N THR A 215 19.53 -10.25 13.93
CA THR A 215 19.51 -10.89 12.63
C THR A 215 18.99 -12.31 12.70
N TYR A 216 19.41 -13.07 13.73
CA TYR A 216 18.83 -14.41 13.91
C TYR A 216 17.32 -14.34 14.02
N ALA A 217 16.81 -13.37 14.79
CA ALA A 217 15.37 -13.25 14.96
C ALA A 217 14.66 -12.96 13.64
N LYS A 218 15.10 -11.94 12.91
CA LYS A 218 14.40 -11.59 11.67
C LYS A 218 14.47 -12.72 10.67
N VAL A 219 15.60 -13.44 10.60
CA VAL A 219 15.69 -14.50 9.60
C VAL A 219 14.82 -15.68 10.00
N VAL A 220 14.67 -15.98 11.30
CA VAL A 220 13.82 -17.09 11.65
C VAL A 220 12.36 -16.75 11.42
N ALA A 221 11.98 -15.47 11.58
CA ALA A 221 10.61 -15.08 11.24
C ALA A 221 10.33 -15.24 9.76
N LEU A 222 11.27 -14.79 8.92
CA LEU A 222 11.08 -14.98 7.49
C LEU A 222 11.05 -16.45 7.11
N ILE A 223 11.80 -17.29 7.82
CA ILE A 223 11.71 -18.72 7.56
C ILE A 223 10.33 -19.25 7.92
N ALA A 224 9.75 -18.77 9.02
CA ALA A 224 8.38 -19.15 9.34
C ALA A 224 7.43 -18.82 8.19
N ILE A 225 7.52 -17.59 7.67
CA ILE A 225 6.63 -17.20 6.58
C ILE A 225 6.83 -18.07 5.34
N ILE A 226 8.09 -18.30 4.96
CA ILE A 226 8.35 -19.07 3.75
C ILE A 226 7.87 -20.52 3.89
N VAL A 227 8.11 -21.13 5.05
CA VAL A 227 7.73 -22.53 5.21
C VAL A 227 6.23 -22.68 5.29
N MET A 228 5.53 -21.73 5.90
CA MET A 228 4.07 -21.83 5.94
C MET A 228 3.47 -21.58 4.57
N GLY A 229 4.00 -20.62 3.82
CA GLY A 229 3.55 -20.45 2.45
C GLY A 229 3.75 -21.70 1.61
N LEU A 230 4.93 -22.32 1.71
CA LEU A 230 5.20 -23.48 0.86
C LEU A 230 4.60 -24.75 1.41
N VAL A 231 4.07 -24.71 2.64
CA VAL A 231 3.27 -25.85 3.08
C VAL A 231 1.82 -25.66 2.65
N LYS A 232 1.40 -24.42 2.45
CA LYS A 232 0.12 -24.17 1.79
C LYS A 232 0.17 -24.60 0.34
N LEU A 233 1.26 -24.26 -0.36
CA LEU A 233 1.39 -24.59 -1.79
C LEU A 233 1.47 -26.08 -2.03
N CYS A 234 1.75 -26.89 -1.01
CA CYS A 234 1.83 -28.33 -1.17
C CYS A 234 0.62 -29.05 -0.60
N GLN A 235 -0.35 -28.33 -0.06
CA GLN A 235 -1.59 -28.93 0.41
C GLN A 235 -2.54 -29.25 -0.73
N GLY A 236 -2.04 -29.25 -1.97
CA GLY A 236 -2.83 -29.58 -3.13
C GLY A 236 -3.48 -28.39 -3.82
N HIS A 237 -3.37 -27.19 -3.25
CA HIS A 237 -4.07 -26.04 -3.83
C HIS A 237 -3.44 -25.62 -5.15
N SER A 238 -2.16 -25.18 -5.11
CA SER A 238 -1.45 -24.70 -6.28
C SER A 238 -2.35 -23.80 -7.12
N GLU A 239 -3.05 -22.89 -6.44
CA GLU A 239 -4.24 -22.27 -6.99
C GLU A 239 -3.95 -21.02 -7.82
N HIS A 240 -3.21 -20.05 -7.27
CA HIS A 240 -2.91 -18.86 -8.05
C HIS A 240 -1.87 -19.13 -9.12
N PHE A 241 -1.14 -20.23 -9.00
CA PHE A 241 -0.10 -20.60 -9.96
C PHE A 241 -0.61 -21.63 -10.96
N GLN A 242 -1.56 -21.23 -11.81
CA GLN A 242 -2.06 -22.10 -12.87
C GLN A 242 -1.98 -21.46 -14.25
N ASP A 243 -2.25 -20.17 -14.36
CA ASP A 243 -2.23 -19.45 -15.63
C ASP A 243 -1.36 -18.22 -15.50
N ALA A 244 -0.15 -18.40 -14.98
CA ALA A 244 0.75 -17.29 -14.73
C ALA A 244 1.09 -16.59 -16.04
N PHE A 245 1.78 -15.44 -15.90
CA PHE A 245 2.30 -14.66 -17.02
C PHE A 245 1.20 -13.94 -17.78
N GLU A 246 -0.06 -14.21 -17.47
CA GLU A 246 -1.18 -13.71 -18.26
C GLU A 246 -1.48 -12.27 -17.88
N GLY A 247 -1.66 -11.43 -18.90
CA GLY A 247 -1.94 -10.03 -18.70
C GLY A 247 -0.73 -9.18 -18.40
N SER A 248 0.48 -9.71 -18.57
CA SER A 248 1.69 -8.94 -18.30
C SER A 248 1.75 -7.69 -19.16
N SER A 249 2.62 -6.77 -18.78
CA SER A 249 2.85 -5.54 -19.53
C SER A 249 4.27 -5.58 -20.07
N TRP A 250 4.43 -6.04 -21.31
CA TRP A 250 5.74 -6.21 -21.91
C TRP A 250 6.28 -4.93 -22.54
N ASP A 251 5.75 -3.77 -22.15
CA ASP A 251 6.29 -2.51 -22.62
C ASP A 251 7.67 -2.26 -22.02
N MET A 252 8.48 -1.52 -22.76
CA MET A 252 9.76 -1.09 -22.20
C MET A 252 9.55 -0.14 -21.04
N GLY A 253 8.61 0.79 -21.17
CA GLY A 253 8.30 1.74 -20.11
C GLY A 253 7.72 1.13 -18.86
N ASN A 254 7.56 -0.20 -18.82
CA ASN A 254 7.14 -0.91 -17.62
C ASN A 254 8.20 -1.86 -17.10
N LEU A 255 8.94 -2.54 -17.98
CA LEU A 255 10.06 -3.32 -17.50
C LEU A 255 11.15 -2.43 -16.91
N SER A 256 11.30 -1.22 -17.42
CA SER A 256 12.27 -0.30 -16.84
C SER A 256 11.92 0.03 -15.39
N LEU A 257 10.65 0.35 -15.14
CA LEU A 257 10.25 0.66 -13.78
C LEU A 257 10.26 -0.56 -12.87
N ALA A 258 9.95 -1.74 -13.42
CA ALA A 258 10.11 -2.95 -12.63
C ALA A 258 11.55 -3.14 -12.19
N LEU A 259 12.50 -2.97 -13.12
CA LEU A 259 13.91 -3.13 -12.77
C LEU A 259 14.35 -2.09 -11.75
N TYR A 260 13.91 -0.85 -11.92
CA TYR A 260 14.30 0.19 -10.98
C TYR A 260 13.77 -0.11 -9.59
N SER A 261 12.52 -0.52 -9.49
CA SER A 261 11.94 -0.81 -8.19
C SER A 261 12.46 -2.10 -7.59
N ALA A 262 13.06 -2.99 -8.39
CA ALA A 262 13.68 -4.18 -7.82
C ALA A 262 15.16 -3.98 -7.57
N LEU A 263 15.70 -2.85 -8.01
CA LEU A 263 17.08 -2.51 -7.66
C LEU A 263 17.16 -1.58 -6.46
N PHE A 264 16.08 -0.86 -6.15
CA PHE A 264 16.05 -0.22 -4.84
C PHE A 264 15.84 -1.21 -3.70
N SER A 265 15.41 -2.43 -3.99
CA SER A 265 15.11 -3.37 -2.93
C SER A 265 16.34 -4.06 -2.38
N TYR A 266 17.49 -3.92 -3.03
CA TYR A 266 18.72 -4.55 -2.56
C TYR A 266 19.75 -3.55 -2.07
N SER A 267 19.39 -2.29 -1.87
CA SER A 267 20.37 -1.31 -1.44
C SER A 267 20.84 -1.61 -0.03
N GLY A 268 22.16 -1.53 0.18
CA GLY A 268 22.73 -1.83 1.48
C GLY A 268 23.75 -2.95 1.43
N TRP A 269 24.13 -3.36 0.23
CA TRP A 269 25.05 -4.48 0.06
C TRP A 269 26.50 -4.12 0.33
N ASP A 270 26.78 -2.92 0.84
CA ASP A 270 28.14 -2.53 1.18
C ASP A 270 28.27 -2.00 2.59
N THR A 271 27.45 -2.45 3.54
CA THR A 271 27.59 -1.97 4.89
C THR A 271 28.75 -2.63 5.60
N LEU A 272 29.39 -3.61 4.96
CA LEU A 272 30.55 -4.23 5.57
C LEU A 272 31.83 -3.55 5.12
N ASN A 273 31.78 -2.74 4.07
CA ASN A 273 32.98 -2.04 3.66
C ASN A 273 33.28 -0.85 4.55
N PHE A 274 32.29 -0.30 5.25
CA PHE A 274 32.52 0.85 6.11
C PHE A 274 33.36 0.51 7.34
N VAL A 275 33.68 -0.76 7.56
CA VAL A 275 34.45 -1.17 8.72
C VAL A 275 35.62 -2.05 8.32
N THR A 276 36.16 -1.85 7.10
CA THR A 276 37.21 -2.73 6.61
C THR A 276 38.44 -2.73 7.49
N GLU A 277 38.75 -1.60 8.13
CA GLU A 277 39.97 -1.52 8.94
C GLU A 277 39.89 -2.31 10.24
N GLU A 278 38.74 -2.91 10.56
CA GLU A 278 38.55 -3.60 11.83
C GLU A 278 38.35 -5.10 11.66
N ILE A 279 38.26 -5.60 10.43
CA ILE A 279 38.07 -7.04 10.25
C ILE A 279 39.38 -7.77 10.52
N LYS A 280 39.26 -9.05 10.90
CA LYS A 280 40.41 -9.79 11.41
C LYS A 280 41.56 -9.79 10.42
N ASN A 281 41.36 -10.39 9.25
CA ASN A 281 42.29 -10.26 8.13
C ASN A 281 41.45 -10.02 6.88
N PRO A 282 41.38 -8.79 6.39
CA PRO A 282 40.37 -8.45 5.38
C PRO A 282 40.47 -9.23 4.10
N GLU A 283 41.64 -9.76 3.75
CA GLU A 283 41.79 -10.40 2.45
C GLU A 283 40.93 -11.65 2.32
N ARG A 284 40.64 -12.33 3.42
CA ARG A 284 39.82 -13.52 3.39
C ARG A 284 38.42 -13.30 3.95
N ASN A 285 38.27 -12.40 4.92
CA ASN A 285 36.95 -12.24 5.53
C ASN A 285 36.06 -11.26 4.80
N LEU A 286 36.60 -10.38 3.96
CA LEU A 286 35.69 -9.47 3.26
C LEU A 286 35.03 -10.10 2.04
N PRO A 287 35.78 -10.63 1.07
CA PRO A 287 35.11 -11.17 -0.11
C PRO A 287 34.27 -12.38 0.21
N LEU A 288 34.72 -13.20 1.16
CA LEU A 288 33.92 -14.35 1.55
C LEU A 288 32.62 -13.92 2.21
N ALA A 289 32.66 -12.83 2.99
CA ALA A 289 31.44 -12.35 3.62
C ALA A 289 30.44 -11.81 2.60
N ILE A 290 30.92 -11.07 1.60
CA ILE A 290 30.00 -10.57 0.58
C ILE A 290 29.45 -11.72 -0.28
N GLY A 291 30.33 -12.63 -0.72
CA GLY A 291 29.87 -13.77 -1.48
C GLY A 291 28.94 -14.70 -0.73
N ILE A 292 29.03 -14.75 0.59
CA ILE A 292 28.15 -15.61 1.37
C ILE A 292 26.89 -14.87 1.77
N SER A 293 26.88 -13.55 1.71
CA SER A 293 25.67 -12.84 2.09
C SER A 293 24.84 -12.37 0.91
N MET A 294 25.32 -12.56 -0.32
CA MET A 294 24.47 -12.23 -1.47
C MET A 294 23.39 -13.29 -1.77
N PRO A 295 23.74 -14.55 -2.04
CA PRO A 295 22.69 -15.51 -2.40
C PRO A 295 21.67 -15.76 -1.31
N ILE A 296 22.07 -15.68 -0.04
CA ILE A 296 21.10 -15.86 1.04
C ILE A 296 19.97 -14.86 0.89
N VAL A 297 20.31 -13.60 0.65
CA VAL A 297 19.28 -12.57 0.56
C VAL A 297 18.46 -12.74 -0.72
N THR A 298 19.11 -13.06 -1.84
CA THR A 298 18.32 -13.28 -3.05
C THR A 298 17.29 -14.39 -2.86
N LEU A 299 17.74 -15.53 -2.31
CA LEU A 299 16.84 -16.66 -2.12
C LEU A 299 15.71 -16.32 -1.17
N ILE A 300 16.01 -15.62 -0.07
CA ILE A 300 14.94 -15.31 0.87
C ILE A 300 13.94 -14.34 0.25
N TYR A 301 14.41 -13.37 -0.53
CA TYR A 301 13.48 -12.46 -1.19
C TYR A 301 12.53 -13.20 -2.11
N ILE A 302 13.08 -14.05 -2.97
CA ILE A 302 12.23 -14.71 -3.96
C ILE A 302 11.27 -15.69 -3.30
N LEU A 303 11.75 -16.42 -2.28
CA LEU A 303 10.87 -17.37 -1.62
C LEU A 303 9.76 -16.68 -0.83
N THR A 304 10.06 -15.57 -0.16
CA THR A 304 9.00 -14.85 0.53
C THR A 304 7.98 -14.30 -0.46
N ASN A 305 8.43 -13.81 -1.62
CA ASN A 305 7.47 -13.38 -2.62
C ASN A 305 6.57 -14.51 -3.08
N VAL A 306 7.14 -15.72 -3.24
CA VAL A 306 6.31 -16.87 -3.60
C VAL A 306 5.26 -17.12 -2.52
N ALA A 307 5.65 -16.97 -1.25
CA ALA A 307 4.68 -17.17 -0.17
C ALA A 307 3.53 -16.16 -0.25
N TYR A 308 3.86 -14.89 -0.40
CA TYR A 308 2.82 -13.87 -0.55
C TYR A 308 1.89 -14.21 -1.70
N TYR A 309 2.45 -14.36 -2.90
CA TYR A 309 1.63 -14.62 -4.08
C TYR A 309 0.83 -15.92 -3.96
N THR A 310 1.27 -16.86 -3.13
CA THR A 310 0.51 -18.09 -2.96
C THR A 310 -0.70 -17.88 -2.07
N VAL A 311 -0.54 -17.20 -0.94
CA VAL A 311 -1.66 -17.12 -0.01
C VAL A 311 -2.69 -16.09 -0.46
N LEU A 312 -2.27 -14.87 -0.74
CA LEU A 312 -3.19 -13.82 -1.11
C LEU A 312 -3.33 -13.70 -2.62
N ASN A 313 -4.31 -12.90 -3.05
CA ASN A 313 -4.50 -12.62 -4.47
C ASN A 313 -4.00 -11.22 -4.78
N ILE A 314 -4.13 -10.79 -6.03
CA ILE A 314 -3.55 -9.53 -6.46
C ILE A 314 -4.42 -8.33 -6.09
N SER A 315 -5.69 -8.54 -5.81
CA SER A 315 -6.59 -7.40 -5.59
C SER A 315 -6.30 -6.69 -4.28
N ASP A 316 -5.69 -7.38 -3.31
CA ASP A 316 -5.35 -6.74 -2.05
C ASP A 316 -3.86 -6.60 -1.80
N VAL A 317 -3.05 -7.58 -2.22
CA VAL A 317 -1.60 -7.39 -2.19
C VAL A 317 -1.22 -6.08 -2.87
N LEU A 318 -2.01 -5.66 -3.85
CA LEU A 318 -1.76 -4.39 -4.52
C LEU A 318 -2.40 -3.22 -3.79
N SER A 319 -3.23 -3.48 -2.79
CA SER A 319 -3.90 -2.41 -2.05
C SER A 319 -3.75 -2.57 -0.54
N SER A 320 -2.83 -3.42 -0.10
CA SER A 320 -2.59 -3.66 1.32
C SER A 320 -1.52 -2.72 1.81
N ASP A 321 -1.68 -2.24 3.05
CA ASP A 321 -0.76 -1.24 3.61
C ASP A 321 0.41 -1.87 4.34
N ALA A 322 0.31 -3.14 4.71
CA ALA A 322 1.44 -3.86 5.31
C ALA A 322 1.24 -5.34 5.00
N VAL A 323 1.87 -5.82 3.93
CA VAL A 323 1.48 -7.11 3.37
C VAL A 323 1.74 -8.24 4.35
N ALA A 324 2.79 -8.14 5.15
CA ALA A 324 3.06 -9.20 6.11
C ALA A 324 1.95 -9.29 7.16
N VAL A 325 1.40 -8.15 7.58
CA VAL A 325 0.35 -8.16 8.59
C VAL A 325 -0.91 -8.77 8.03
N THR A 326 -1.24 -8.48 6.77
CA THR A 326 -2.40 -9.09 6.14
C THR A 326 -2.21 -10.59 6.01
N PHE A 327 -1.01 -11.03 5.61
CA PHE A 327 -0.72 -12.46 5.55
C PHE A 327 -0.93 -13.11 6.91
N ALA A 328 -0.41 -12.49 7.97
CA ALA A 328 -0.58 -13.07 9.29
C ALA A 328 -2.03 -13.13 9.70
N ASP A 329 -2.80 -12.08 9.41
CA ASP A 329 -4.23 -12.10 9.70
C ASP A 329 -4.93 -13.23 8.94
N GLN A 330 -4.47 -13.53 7.73
CA GLN A 330 -5.11 -14.55 6.93
C GLN A 330 -4.81 -15.95 7.44
N THR A 331 -3.54 -16.33 7.47
CA THR A 331 -3.20 -17.73 7.72
C THR A 331 -3.08 -18.08 9.19
N PHE A 332 -2.21 -17.41 9.95
CA PHE A 332 -2.06 -17.68 11.38
C PHE A 332 -3.37 -17.29 12.04
N GLY A 333 -4.19 -18.29 12.40
CA GLY A 333 -5.47 -18.05 13.02
C GLY A 333 -5.35 -17.15 14.22
N MET A 334 -4.74 -17.66 15.29
CA MET A 334 -4.21 -16.80 16.31
C MET A 334 -2.79 -16.41 15.91
N PHE A 335 -2.04 -15.82 16.83
CA PHE A 335 -0.67 -15.38 16.59
C PHE A 335 -0.58 -14.37 15.45
N SER A 336 -1.62 -13.56 15.25
CA SER A 336 -1.54 -12.47 14.30
C SER A 336 -0.66 -11.34 14.81
N TRP A 337 -0.01 -11.53 15.95
CA TRP A 337 0.84 -10.53 16.57
C TRP A 337 2.32 -10.91 16.54
N THR A 338 2.65 -12.06 15.95
CA THR A 338 4.05 -12.45 15.85
C THR A 338 4.76 -11.67 14.75
N ILE A 339 4.09 -11.43 13.62
CA ILE A 339 4.71 -10.79 12.48
C ILE A 339 4.93 -9.29 12.71
N PRO A 340 4.02 -8.56 13.36
CA PRO A 340 4.37 -7.17 13.71
C PRO A 340 5.58 -7.06 14.62
N ILE A 341 5.69 -7.94 15.61
CA ILE A 341 6.87 -7.91 16.48
C ILE A 341 8.11 -8.31 15.70
N ALA A 342 7.98 -9.22 14.73
CA ALA A 342 9.12 -9.55 13.90
C ALA A 342 9.58 -8.34 13.09
N VAL A 343 8.63 -7.53 12.60
CA VAL A 343 9.03 -6.34 11.86
C VAL A 343 9.71 -5.34 12.80
N ALA A 344 9.25 -5.26 14.04
CA ALA A 344 9.91 -4.37 15.00
C ALA A 344 11.36 -4.81 15.25
N LEU A 345 11.59 -6.12 15.39
CA LEU A 345 12.95 -6.59 15.60
C LEU A 345 13.82 -6.32 14.37
N SER A 346 13.29 -6.56 13.18
CA SER A 346 14.05 -6.26 11.97
C SER A 346 14.48 -4.80 11.93
N CYS A 347 13.56 -3.90 12.27
CA CYS A 347 13.91 -2.49 12.25
C CYS A 347 14.97 -2.17 13.29
N PHE A 348 14.89 -2.78 14.47
CA PHE A 348 15.90 -2.50 15.49
C PHE A 348 17.29 -2.92 15.01
N GLY A 349 17.42 -4.12 14.44
CA GLY A 349 18.71 -4.55 13.91
C GLY A 349 19.23 -3.68 12.78
N GLY A 350 18.36 -3.31 11.85
CA GLY A 350 18.79 -2.41 10.78
C GLY A 350 19.32 -1.09 11.32
N LEU A 351 18.65 -0.54 12.34
CA LEU A 351 19.12 0.72 12.91
C LEU A 351 20.49 0.54 13.55
N ASN A 352 20.72 -0.58 14.23
CA ASN A 352 22.03 -0.79 14.84
C ASN A 352 23.13 -0.83 13.79
N ALA A 353 22.92 -1.55 12.68
CA ALA A 353 23.96 -1.60 11.67
C ALA A 353 24.21 -0.24 11.03
N SER A 354 23.15 0.55 10.88
CA SER A 354 23.34 1.89 10.31
C SER A 354 24.16 2.78 11.24
N ILE A 355 23.92 2.68 12.55
CA ILE A 355 24.73 3.45 13.50
C ILE A 355 26.20 3.05 13.43
N PHE A 356 26.47 1.74 13.39
CA PHE A 356 27.82 1.23 13.20
C PHE A 356 28.53 1.91 12.02
N ALA A 357 27.94 1.74 10.82
CA ALA A 357 28.58 2.24 9.62
C ALA A 357 28.76 3.75 9.63
N SER A 358 27.74 4.49 10.07
CA SER A 358 27.88 5.95 10.04
C SER A 358 28.93 6.45 11.00
N SER A 359 29.02 5.88 12.21
CA SER A 359 30.05 6.32 13.13
C SER A 359 31.43 6.10 12.54
N ARG A 360 31.65 4.93 11.90
CA ARG A 360 32.98 4.70 11.34
C ARG A 360 33.27 5.63 10.15
N LEU A 361 32.25 5.97 9.36
CA LEU A 361 32.50 6.89 8.25
C LEU A 361 32.90 8.26 8.74
N PHE A 362 32.19 8.81 9.74
CA PHE A 362 32.59 10.13 10.25
C PHE A 362 33.96 10.08 10.90
N PHE A 363 34.28 8.98 11.57
CA PHE A 363 35.62 8.78 12.10
C PHE A 363 36.68 8.97 11.03
N VAL A 364 36.57 8.21 9.93
CA VAL A 364 37.54 8.34 8.85
C VAL A 364 37.56 9.77 8.31
N GLY A 365 36.38 10.33 8.07
CA GLY A 365 36.31 11.67 7.50
C GLY A 365 37.10 12.67 8.31
N SER A 366 36.91 12.68 9.62
CA SER A 366 37.69 13.62 10.43
C SER A 366 39.15 13.25 10.46
N ARG A 367 39.46 11.95 10.35
CA ARG A 367 40.87 11.56 10.28
C ARG A 367 41.55 12.08 9.03
N GLU A 368 40.78 12.45 8.01
CA GLU A 368 41.34 13.01 6.79
C GLU A 368 41.47 14.53 6.80
N GLY A 369 40.81 15.22 7.73
CA GLY A 369 40.88 16.66 7.83
C GLY A 369 39.67 17.39 7.29
N HIS A 370 38.72 16.69 6.68
CA HIS A 370 37.57 17.36 6.09
C HIS A 370 36.57 17.80 7.15
N LEU A 371 36.62 17.18 8.32
CA LEU A 371 35.76 17.49 9.45
C LEU A 371 36.60 18.05 10.60
N PRO A 372 36.00 18.44 11.72
CA PRO A 372 36.82 18.90 12.85
C PRO A 372 37.89 17.88 13.22
N ASP A 373 38.99 18.39 13.78
CA ASP A 373 40.10 17.52 14.17
C ASP A 373 39.71 16.61 15.33
N LEU A 374 38.47 16.73 15.81
CA LEU A 374 38.10 16.15 17.09
C LEU A 374 37.48 14.77 16.93
N LEU A 375 36.68 14.56 15.89
CA LEU A 375 35.94 13.30 15.77
C LEU A 375 36.84 12.10 15.58
N SER A 376 38.15 12.28 15.55
CA SER A 376 39.08 11.17 15.40
C SER A 376 39.60 10.66 16.74
N MET A 377 38.82 10.75 17.80
CA MET A 377 39.28 10.32 19.10
C MET A 377 38.90 8.86 19.35
N ILE A 378 39.39 8.31 20.46
CA ILE A 378 39.16 6.93 20.85
C ILE A 378 39.20 6.83 22.36
N HIS A 379 38.33 6.00 22.94
CA HIS A 379 38.28 5.83 24.38
C HIS A 379 39.49 5.04 24.87
N ILE A 380 39.98 5.42 26.05
CA ILE A 380 41.25 4.87 26.54
C ILE A 380 41.09 3.41 26.91
N GLU A 381 40.12 3.10 27.77
CA GLU A 381 40.01 1.75 28.31
C GLU A 381 39.13 0.87 27.44
N ARG A 382 38.38 1.46 26.51
CA ARG A 382 37.38 0.71 25.77
C ARG A 382 37.63 0.65 24.27
N PHE A 383 38.32 1.64 23.70
CA PHE A 383 38.60 1.67 22.26
C PHE A 383 37.32 1.72 21.44
N THR A 384 36.53 2.77 21.63
CA THR A 384 35.30 3.00 20.89
C THR A 384 35.19 4.46 20.49
N PRO A 385 34.89 4.76 19.23
CA PRO A 385 34.91 6.15 18.80
C PRO A 385 33.78 6.96 19.40
N ILE A 386 33.91 7.32 20.67
CA ILE A 386 32.77 7.89 21.41
C ILE A 386 32.27 9.20 20.82
N PRO A 387 33.10 10.20 20.51
CA PRO A 387 32.55 11.43 19.97
C PRO A 387 31.83 11.25 18.65
N ALA A 388 32.30 10.36 17.77
CA ALA A 388 31.61 10.14 16.51
C ALA A 388 30.20 9.61 16.74
N LEU A 389 30.06 8.63 17.62
CA LEU A 389 28.75 8.08 17.90
C LEU A 389 27.83 9.11 18.53
N LEU A 390 28.34 9.93 19.44
CA LEU A 390 27.48 10.95 20.04
C LEU A 390 27.02 11.95 18.99
N PHE A 391 27.91 12.33 18.07
CA PHE A 391 27.52 13.24 17.00
C PHE A 391 26.42 12.65 16.13
N ASN A 392 26.56 11.38 15.74
CA ASN A 392 25.54 10.76 14.92
C ASN A 392 24.19 10.69 15.64
N CYS A 393 24.20 10.24 16.90
CA CYS A 393 22.98 10.24 17.68
C CYS A 393 22.34 11.61 17.72
N THR A 394 23.13 12.66 17.90
CA THR A 394 22.55 13.99 18.01
C THR A 394 21.89 14.41 16.71
N MET A 395 22.50 14.10 15.56
CA MET A 395 21.88 14.46 14.30
C MET A 395 20.55 13.72 14.10
N ALA A 396 20.52 12.41 14.38
CA ALA A 396 19.28 11.67 14.20
C ALA A 396 18.19 12.18 15.14
N LEU A 397 18.56 12.52 16.38
CA LEU A 397 17.56 12.99 17.34
C LEU A 397 17.08 14.39 17.01
N ILE A 398 17.85 15.15 16.24
CA ILE A 398 17.30 16.38 15.68
C ILE A 398 16.29 16.06 14.59
N TYR A 399 16.66 15.21 13.64
CA TYR A 399 15.76 14.96 12.52
C TYR A 399 14.48 14.25 12.93
N LEU A 400 14.42 13.66 14.12
CA LEU A 400 13.13 13.15 14.57
C LEU A 400 12.10 14.25 14.76
N ILE A 401 12.54 15.50 14.91
CA ILE A 401 11.62 16.58 15.27
C ILE A 401 10.77 17.04 14.10
N VAL A 402 11.11 16.65 12.88
CA VAL A 402 10.42 17.14 11.70
C VAL A 402 9.16 16.29 11.48
N GLU A 403 8.04 16.97 11.27
CA GLU A 403 6.82 16.26 10.90
C GLU A 403 6.89 15.82 9.45
N ASP A 404 6.46 14.59 9.19
CA ASP A 404 6.43 14.04 7.84
C ASP A 404 7.82 14.04 7.22
N VAL A 405 8.72 13.27 7.84
CA VAL A 405 10.04 13.06 7.25
C VAL A 405 9.97 12.08 6.11
N PHE A 406 8.90 11.29 6.01
CA PHE A 406 8.83 10.25 5.00
C PHE A 406 8.90 10.81 3.58
N GLN A 407 8.92 12.13 3.43
CA GLN A 407 9.09 12.72 2.10
C GLN A 407 10.55 12.84 1.72
N LEU A 408 11.43 13.10 2.70
CA LEU A 408 12.82 13.38 2.41
C LEU A 408 13.55 12.23 1.73
N ILE A 409 12.93 11.07 1.56
CA ILE A 409 13.60 9.97 0.88
C ILE A 409 13.51 10.15 -0.63
N ASN A 410 12.96 11.27 -1.06
CA ASN A 410 12.92 11.60 -2.49
C ASN A 410 14.01 12.57 -2.90
N TYR A 411 14.60 13.28 -1.94
CA TYR A 411 15.57 14.32 -2.26
C TYR A 411 16.97 13.79 -2.48
N PHE A 412 17.23 12.53 -2.18
CA PHE A 412 18.56 11.97 -2.38
C PHE A 412 18.57 10.66 -3.14
N SER A 413 17.49 10.32 -3.85
CA SER A 413 17.49 9.07 -4.58
C SER A 413 18.26 9.16 -5.89
N PHE A 414 18.75 10.34 -6.24
CA PHE A 414 19.67 10.49 -7.36
C PHE A 414 21.12 10.58 -6.89
N SER A 415 21.35 11.22 -5.73
CA SER A 415 22.70 11.36 -5.23
C SER A 415 23.33 10.01 -4.91
N TYR A 416 22.62 9.17 -4.14
CA TYR A 416 23.20 7.95 -3.62
C TYR A 416 23.76 7.07 -4.74
N TRP A 417 22.97 6.85 -5.78
CA TRP A 417 23.44 5.95 -6.82
C TRP A 417 24.46 6.64 -7.72
N PHE A 418 24.40 7.97 -7.83
CA PHE A 418 25.50 8.70 -8.46
C PHE A 418 26.81 8.38 -7.77
N PHE A 419 26.83 8.34 -6.45
CA PHE A 419 28.08 8.10 -5.74
C PHE A 419 28.54 6.67 -5.88
N VAL A 420 27.62 5.71 -5.80
CA VAL A 420 28.02 4.32 -6.00
C VAL A 420 28.65 4.14 -7.38
N GLY A 421 27.99 4.67 -8.41
CA GLY A 421 28.53 4.55 -9.76
C GLY A 421 29.85 5.26 -9.94
N LEU A 422 30.02 6.42 -9.30
CA LEU A 422 31.28 7.12 -9.38
C LEU A 422 32.40 6.30 -8.75
N SER A 423 32.11 5.62 -7.65
CA SER A 423 33.14 4.77 -7.04
C SER A 423 33.52 3.63 -7.97
N VAL A 424 32.54 3.04 -8.65
CA VAL A 424 32.85 1.95 -9.57
C VAL A 424 33.72 2.45 -10.74
N VAL A 425 33.34 3.57 -11.35
CA VAL A 425 34.17 4.08 -12.44
C VAL A 425 35.53 4.54 -11.95
N GLY A 426 35.64 4.93 -10.67
CA GLY A 426 36.95 5.18 -10.11
C GLY A 426 37.78 3.91 -10.02
N GLN A 427 37.13 2.79 -9.71
CA GLN A 427 37.84 1.52 -9.80
C GLN A 427 38.36 1.29 -11.21
N LEU A 428 37.54 1.58 -12.22
CA LEU A 428 38.00 1.41 -13.60
C LEU A 428 39.20 2.32 -13.90
N TYR A 429 39.13 3.57 -13.44
CA TYR A 429 40.23 4.50 -13.66
C TYR A 429 41.51 4.03 -13.00
N LEU A 430 41.41 3.49 -11.78
CA LEU A 430 42.60 2.96 -11.13
C LEU A 430 43.08 1.69 -11.79
N ARG A 431 42.18 0.91 -12.38
CA ARG A 431 42.60 -0.27 -13.15
C ARG A 431 43.42 0.14 -14.36
N TRP A 432 43.11 1.30 -14.93
CA TRP A 432 43.87 1.76 -16.08
C TRP A 432 45.18 2.43 -15.67
N LYS A 433 45.10 3.38 -14.74
CA LYS A 433 46.22 4.31 -14.54
C LYS A 433 47.43 3.64 -13.90
N GLU A 434 47.26 3.04 -12.72
CA GLU A 434 48.35 2.44 -11.96
C GLU A 434 48.10 0.93 -11.83
N PRO A 435 48.28 0.18 -12.92
CA PRO A 435 47.90 -1.23 -12.91
C PRO A 435 48.88 -2.14 -12.18
N LYS A 436 49.85 -1.59 -11.45
CA LYS A 436 50.86 -2.41 -10.79
C LYS A 436 50.79 -2.39 -9.28
N ARG A 437 49.70 -1.90 -8.70
CA ARG A 437 49.50 -2.05 -7.27
C ARG A 437 49.34 -3.53 -6.91
N PRO A 438 49.66 -3.90 -5.68
CA PRO A 438 49.40 -5.29 -5.27
C PRO A 438 47.92 -5.54 -5.05
N ARG A 439 47.29 -6.24 -5.99
CA ARG A 439 45.88 -6.60 -5.86
C ARG A 439 45.78 -8.06 -5.46
N PRO A 440 45.23 -8.37 -4.28
CA PRO A 440 45.12 -9.77 -3.86
C PRO A 440 44.19 -10.59 -4.74
N LEU A 441 43.03 -10.06 -5.11
CA LEU A 441 42.17 -10.74 -6.08
C LEU A 441 41.73 -9.71 -7.11
N LYS A 442 41.94 -10.04 -8.38
CA LYS A 442 41.61 -9.12 -9.48
C LYS A 442 40.60 -9.80 -10.39
N LEU A 443 39.49 -9.11 -10.65
CA LEU A 443 38.41 -9.64 -11.46
C LEU A 443 38.52 -9.13 -12.89
N SER A 444 37.89 -9.87 -13.81
CA SER A 444 37.76 -9.39 -15.17
C SER A 444 36.96 -8.10 -15.19
N VAL A 445 37.15 -7.31 -16.23
CA VAL A 445 36.53 -5.98 -16.27
C VAL A 445 35.05 -6.15 -16.63
N PHE A 446 34.61 -7.41 -16.75
CA PHE A 446 33.20 -7.68 -17.02
C PHE A 446 32.30 -7.03 -15.99
N PHE A 447 32.51 -7.34 -14.71
CA PHE A 447 31.58 -6.92 -13.67
C PHE A 447 31.53 -5.40 -13.49
N PRO A 448 32.64 -4.67 -13.42
CA PRO A 448 32.52 -3.21 -13.40
C PRO A 448 31.83 -2.65 -14.63
N ILE A 449 32.01 -3.29 -15.79
CA ILE A 449 31.33 -2.86 -17.00
C ILE A 449 29.82 -2.94 -16.83
N VAL A 450 29.31 -4.13 -16.51
CA VAL A 450 27.86 -4.27 -16.45
C VAL A 450 27.29 -3.41 -15.32
N PHE A 451 27.99 -3.28 -14.19
CA PHE A 451 27.38 -2.50 -13.15
C PHE A 451 27.52 -0.99 -13.35
N CYS A 452 28.52 -0.52 -14.10
CA CYS A 452 28.53 0.91 -14.42
C CYS A 452 27.43 1.22 -15.41
N ILE A 453 27.16 0.31 -16.34
CA ILE A 453 25.98 0.46 -17.19
C ILE A 453 24.72 0.56 -16.34
N CYS A 454 24.55 -0.37 -15.40
CA CYS A 454 23.37 -0.37 -14.55
C CYS A 454 23.26 0.90 -13.72
N SER A 455 24.40 1.47 -13.31
CA SER A 455 24.37 2.72 -12.57
C SER A 455 23.97 3.90 -13.44
N VAL A 456 24.39 3.91 -14.71
CA VAL A 456 23.88 4.90 -15.64
C VAL A 456 22.36 4.82 -15.71
N PHE A 457 21.85 3.59 -15.80
CA PHE A 457 20.40 3.39 -15.82
C PHE A 457 19.74 3.96 -14.56
N LEU A 458 20.32 3.66 -13.39
CA LEU A 458 19.70 4.03 -12.12
C LEU A 458 19.83 5.51 -11.79
N VAL A 459 20.78 6.22 -12.38
CA VAL A 459 20.78 7.68 -12.25
C VAL A 459 19.97 8.35 -13.34
N ILE A 460 19.71 7.66 -14.46
CA ILE A 460 18.95 8.31 -15.52
C ILE A 460 17.45 8.20 -15.28
N VAL A 461 17.01 7.19 -14.55
CA VAL A 461 15.58 7.08 -14.28
C VAL A 461 15.05 8.26 -13.45
N PRO A 462 15.62 8.59 -12.29
CA PRO A 462 15.03 9.66 -11.47
C PRO A 462 15.45 11.07 -11.84
N LEU A 463 16.00 11.29 -13.03
CA LEU A 463 16.19 12.63 -13.57
C LEU A 463 15.15 13.02 -14.59
N PHE A 464 14.82 12.10 -15.52
CA PHE A 464 13.76 12.37 -16.48
C PHE A 464 12.45 12.65 -15.76
N THR A 465 12.01 11.72 -14.92
CA THR A 465 10.84 11.94 -14.09
C THR A 465 11.25 12.46 -12.73
N ASP A 466 10.42 13.35 -12.18
CA ASP A 466 10.65 13.95 -10.87
C ASP A 466 11.94 14.78 -10.86
N THR A 467 12.07 15.66 -11.84
CA THR A 467 13.34 16.37 -12.02
C THR A 467 13.60 17.38 -10.91
N ILE A 468 12.55 18.05 -10.42
CA ILE A 468 12.77 19.13 -9.46
C ILE A 468 13.32 18.58 -8.14
N ASN A 469 12.92 17.37 -7.76
CA ASN A 469 13.44 16.78 -6.53
C ASN A 469 14.91 16.44 -6.64
N SER A 470 15.32 15.77 -7.71
CA SER A 470 16.73 15.50 -7.91
C SER A 470 17.54 16.77 -8.04
N LEU A 471 16.94 17.83 -8.60
CA LEU A 471 17.65 19.09 -8.75
C LEU A 471 17.85 19.76 -7.39
N ILE A 472 16.83 19.77 -6.53
CA ILE A 472 17.05 20.33 -5.19
C ILE A 472 17.99 19.43 -4.40
N GLY A 473 18.07 18.14 -4.76
CA GLY A 473 19.06 17.28 -4.13
C GLY A 473 20.48 17.70 -4.49
N ILE A 474 20.73 17.95 -5.77
CA ILE A 474 22.03 18.48 -6.18
C ILE A 474 22.28 19.81 -5.49
N GLY A 475 21.23 20.59 -5.26
CA GLY A 475 21.37 21.83 -4.51
C GLY A 475 21.88 21.59 -3.10
N ILE A 476 21.28 20.63 -2.41
CA ILE A 476 21.75 20.29 -1.07
C ILE A 476 23.17 19.76 -1.11
N ALA A 477 23.41 18.78 -1.98
CA ALA A 477 24.75 18.18 -2.06
C ALA A 477 25.82 19.22 -2.36
N LEU A 478 25.48 20.23 -3.14
CA LEU A 478 26.47 21.23 -3.51
C LEU A 478 26.53 22.36 -2.49
N SER A 479 25.62 22.36 -1.53
CA SER A 479 25.59 23.42 -0.54
C SER A 479 26.78 23.40 0.40
N GLY A 480 27.71 22.49 0.17
CA GLY A 480 28.85 22.37 1.06
C GLY A 480 30.16 22.94 0.55
N VAL A 481 30.19 23.46 -0.68
CA VAL A 481 31.49 23.91 -1.19
C VAL A 481 32.04 25.14 -0.48
N PRO A 482 31.23 26.06 0.06
CA PRO A 482 31.86 27.22 0.73
C PRO A 482 32.75 26.83 1.90
N PHE A 483 32.29 25.92 2.76
CA PHE A 483 33.12 25.45 3.85
C PHE A 483 34.44 24.90 3.32
N TYR A 484 34.39 24.07 2.28
CA TYR A 484 35.60 23.54 1.67
C TYR A 484 36.53 24.67 1.25
N PHE A 485 36.10 25.46 0.27
CA PHE A 485 36.96 26.47 -0.35
C PHE A 485 37.41 27.56 0.61
N MET A 486 36.77 27.72 1.77
CA MET A 486 37.14 28.79 2.67
C MET A 486 37.82 28.34 3.96
N GLY A 487 37.66 27.08 4.37
CA GLY A 487 38.29 26.63 5.60
C GLY A 487 39.16 25.41 5.47
N VAL A 488 38.91 24.55 4.51
CA VAL A 488 39.60 23.26 4.42
C VAL A 488 40.76 23.32 3.43
N TYR A 489 40.48 23.63 2.17
CA TYR A 489 41.53 23.68 1.17
C TYR A 489 42.55 24.77 1.50
N LEU A 490 42.11 25.82 2.19
CA LEU A 490 43.03 26.83 2.67
C LEU A 490 43.90 26.24 3.77
N PRO A 491 45.21 26.47 3.76
CA PRO A 491 46.11 25.71 4.64
C PRO A 491 46.02 26.15 6.09
N GLU A 492 46.86 25.53 6.92
CA GLU A 492 46.93 25.81 8.34
C GLU A 492 47.60 27.16 8.58
N SER A 493 47.37 27.70 9.79
CA SER A 493 48.05 28.89 10.29
C SER A 493 47.69 30.14 9.53
N ARG A 494 46.74 30.05 8.59
CA ARG A 494 46.27 31.24 7.90
C ARG A 494 44.87 31.61 8.35
N ARG A 495 44.17 30.68 8.99
CA ARG A 495 42.81 30.93 9.43
C ARG A 495 42.82 31.94 10.58
N PRO A 496 41.71 32.65 10.82
CA PRO A 496 41.64 33.54 11.99
C PRO A 496 41.92 32.77 13.27
N LEU A 497 42.64 33.42 14.20
CA LEU A 497 43.11 32.70 15.38
C LEU A 497 41.99 32.47 16.39
N PHE A 498 40.96 33.32 16.38
CA PHE A 498 39.85 33.14 17.32
C PHE A 498 39.20 31.78 17.16
N ILE A 499 38.90 31.39 15.92
CA ILE A 499 38.18 30.14 15.68
C ILE A 499 39.03 28.95 16.10
N ARG A 500 40.33 28.99 15.79
CA ARG A 500 41.21 27.90 16.20
C ARG A 500 41.31 27.81 17.71
N ASN A 501 41.40 28.96 18.38
CA ASN A 501 41.49 28.98 19.83
C ASN A 501 40.25 28.36 20.48
N VAL A 502 39.06 28.82 20.06
CA VAL A 502 37.84 28.29 20.67
C VAL A 502 37.67 26.82 20.31
N LEU A 503 38.04 26.43 19.09
CA LEU A 503 37.96 25.03 18.69
C LEU A 503 38.80 24.16 19.59
N ALA A 504 40.05 24.55 19.81
CA ALA A 504 40.93 23.75 20.67
C ALA A 504 40.43 23.73 22.11
N ALA A 505 39.86 24.85 22.57
CA ALA A 505 39.36 24.90 23.94
C ALA A 505 38.22 23.91 24.13
N ILE A 506 37.23 23.93 23.22
CA ILE A 506 36.12 23.00 23.37
C ILE A 506 36.56 21.58 23.08
N THR A 507 37.59 21.41 22.25
CA THR A 507 38.16 20.08 22.03
C THR A 507 38.70 19.50 23.32
N ARG A 508 39.49 20.29 24.06
CA ARG A 508 40.01 19.83 25.33
C ARG A 508 38.89 19.59 26.33
N GLY A 509 37.88 20.45 26.33
CA GLY A 509 36.71 20.24 27.16
C GLY A 509 36.08 18.87 26.96
N THR A 510 35.62 18.60 25.74
CA THR A 510 34.94 17.33 25.47
C THR A 510 35.91 16.15 25.58
N GLN A 511 37.19 16.37 25.34
CA GLN A 511 38.17 15.29 25.47
C GLN A 511 38.30 14.85 26.92
N GLN A 512 38.53 15.79 27.83
CA GLN A 512 38.57 15.45 29.24
C GLN A 512 37.23 14.90 29.70
N LEU A 513 36.13 15.35 29.10
CA LEU A 513 34.82 14.87 29.53
C LEU A 513 34.58 13.43 29.08
N CYS A 514 35.18 13.01 27.96
CA CYS A 514 34.87 11.71 27.38
C CYS A 514 36.04 10.73 27.41
N PHE A 515 37.19 11.12 27.94
CA PHE A 515 38.34 10.21 28.06
C PHE A 515 38.77 9.67 26.70
N CYS A 516 39.26 10.55 25.84
CA CYS A 516 39.57 10.16 24.48
C CYS A 516 40.77 10.92 23.95
N VAL A 517 41.84 10.18 23.62
CA VAL A 517 43.00 10.76 22.95
C VAL A 517 43.07 10.16 21.56
N LEU A 518 43.42 11.01 20.59
CA LEU A 518 43.33 10.60 19.20
C LEU A 518 44.29 9.45 18.91
N THR A 519 44.09 8.83 17.75
CA THR A 519 44.77 7.61 17.39
C THR A 519 46.28 7.74 17.51
N GLU A 520 46.93 6.66 17.91
CA GLU A 520 48.38 6.64 18.06
C GLU A 520 49.06 6.34 16.73
N LYS B 172 46.58 24.54 17.63
CA LYS B 172 47.92 24.26 18.15
C LYS B 172 47.81 23.43 19.42
N PHE B 173 46.69 23.55 20.13
CA PHE B 173 46.53 22.85 21.40
C PHE B 173 46.67 21.34 21.28
N THR B 174 46.21 20.77 20.17
CA THR B 174 46.28 19.32 19.97
C THR B 174 45.63 18.57 21.13
N GLY B 175 44.60 19.16 21.73
CA GLY B 175 43.89 18.50 22.82
C GLY B 175 44.76 18.03 23.97
N LEU B 176 44.43 16.87 24.52
CA LEU B 176 45.17 16.35 25.67
C LEU B 176 45.95 15.09 25.34
N SER B 177 47.19 15.01 25.80
CA SER B 177 47.98 13.80 25.59
C SER B 177 47.38 12.68 26.42
N LYS B 178 47.62 11.44 26.01
CA LYS B 178 47.02 10.31 26.72
C LYS B 178 47.42 10.32 28.19
N GLU B 179 48.72 10.40 28.44
CA GLU B 179 49.20 10.42 29.82
C GLU B 179 48.79 11.72 30.50
N GLU B 180 49.01 12.83 29.82
CA GLU B 180 48.60 14.12 30.36
C GLU B 180 47.13 14.05 30.72
N LEU B 181 46.32 13.56 29.78
CA LEU B 181 44.90 13.40 30.07
C LEU B 181 44.68 12.65 31.37
N LEU B 182 45.41 11.55 31.57
CA LEU B 182 45.26 10.79 32.81
C LEU B 182 45.62 11.63 34.01
N LYS B 183 46.55 12.57 33.85
CA LYS B 183 46.92 13.44 34.96
C LYS B 183 45.83 14.47 35.24
N VAL B 184 45.30 15.09 34.19
CA VAL B 184 44.28 16.12 34.39
C VAL B 184 42.96 15.51 34.85
N ALA B 185 42.71 14.24 34.54
CA ALA B 185 41.45 13.61 34.92
C ALA B 185 41.40 13.21 36.39
N GLY B 186 42.39 13.60 37.19
CA GLY B 186 42.38 13.27 38.60
C GLY B 186 41.50 14.16 39.45
N SER B 187 41.15 15.34 38.96
CA SER B 187 40.36 16.28 39.73
C SER B 187 39.00 15.67 40.08
N PRO B 188 38.55 15.79 41.32
CA PRO B 188 37.23 15.23 41.68
C PRO B 188 36.08 15.88 40.93
N GLY B 189 36.22 17.15 40.54
CA GLY B 189 35.14 17.81 39.85
C GLY B 189 34.73 17.09 38.58
N TRP B 190 35.71 16.69 37.77
CA TRP B 190 35.39 16.09 36.47
C TRP B 190 34.80 14.69 36.63
N VAL B 191 35.32 13.88 37.56
CA VAL B 191 34.75 12.56 37.74
C VAL B 191 33.34 12.65 38.30
N ARG B 192 33.10 13.61 39.19
CA ARG B 192 31.74 13.80 39.69
C ARG B 192 30.82 14.25 38.56
N THR B 193 31.31 15.13 37.68
CA THR B 193 30.49 15.58 36.55
C THR B 193 30.16 14.41 35.62
N ARG B 194 31.13 13.53 35.38
CA ARG B 194 30.88 12.36 34.55
C ARG B 194 29.81 11.45 35.17
N TRP B 195 29.96 11.14 36.45
CA TRP B 195 28.97 10.29 37.11
C TRP B 195 27.59 10.93 37.07
N ALA B 196 27.52 12.25 37.32
CA ALA B 196 26.26 12.95 37.28
C ALA B 196 25.62 12.90 35.90
N LEU B 197 26.42 13.08 34.85
CA LEU B 197 25.85 13.06 33.50
C LEU B 197 25.32 11.68 33.15
N LEU B 198 26.00 10.62 33.57
CA LEU B 198 25.44 9.29 33.30
C LEU B 198 24.12 9.08 34.04
N LEU B 199 24.09 9.47 35.33
CA LEU B 199 22.85 9.37 36.09
C LEU B 199 21.72 10.13 35.41
N LEU B 200 22.02 11.33 34.92
CA LEU B 200 20.99 12.16 34.29
C LEU B 200 20.50 11.56 32.99
N PHE B 201 21.41 11.00 32.18
CA PHE B 201 20.97 10.32 30.97
C PHE B 201 19.99 9.21 31.29
N TRP B 202 20.33 8.36 32.27
CA TRP B 202 19.41 7.25 32.54
C TRP B 202 18.07 7.74 33.07
N LEU B 203 18.09 8.76 33.93
CA LEU B 203 16.84 9.35 34.41
C LEU B 203 15.99 9.83 33.24
N GLY B 204 16.59 10.58 32.31
CA GLY B 204 15.83 11.14 31.21
C GLY B 204 15.28 10.08 30.27
N TRP B 205 16.06 9.05 29.98
CA TRP B 205 15.55 7.97 29.15
C TRP B 205 14.38 7.25 29.81
N LEU B 206 14.48 6.95 31.11
CA LEU B 206 13.33 6.32 31.76
C LEU B 206 12.12 7.23 31.77
N GLY B 207 12.32 8.53 31.95
CA GLY B 207 11.21 9.46 31.90
C GLY B 207 10.55 9.52 30.53
N MET B 208 11.34 9.40 29.47
CA MET B 208 10.79 9.40 28.12
C MET B 208 9.96 8.14 27.88
N LEU B 209 10.44 6.99 28.34
CA LEU B 209 9.61 5.78 28.26
C LEU B 209 8.30 5.96 29.03
N ALA B 210 8.37 6.49 30.25
CA ALA B 210 7.16 6.66 31.05
C ALA B 210 6.18 7.60 30.37
N GLY B 211 6.67 8.70 29.79
CA GLY B 211 5.79 9.59 29.06
C GLY B 211 5.12 8.92 27.88
N ALA B 212 5.88 8.11 27.12
CA ALA B 212 5.29 7.40 26.00
C ALA B 212 4.18 6.47 26.46
N VAL B 213 4.43 5.69 27.51
CA VAL B 213 3.42 4.71 27.93
C VAL B 213 2.19 5.41 28.50
N VAL B 214 2.41 6.49 29.27
CA VAL B 214 1.27 7.24 29.75
C VAL B 214 0.42 7.76 28.60
N ILE B 215 1.05 8.35 27.58
CA ILE B 215 0.27 8.90 26.48
C ILE B 215 -0.48 7.79 25.76
N ILE B 216 0.13 6.61 25.62
CA ILE B 216 -0.59 5.52 24.98
C ILE B 216 -1.83 5.13 25.78
N VAL B 217 -1.70 5.01 27.10
CA VAL B 217 -2.85 4.57 27.89
C VAL B 217 -3.96 5.63 27.84
N ARG B 218 -3.60 6.90 27.80
CA ARG B 218 -4.60 7.97 27.65
C ARG B 218 -4.98 8.18 26.18
N ALA B 219 -5.29 7.08 25.49
CA ALA B 219 -5.66 7.15 24.09
C ALA B 219 -6.84 6.26 23.81
N PRO B 220 -7.76 6.68 22.95
CA PRO B 220 -9.02 5.95 22.78
C PRO B 220 -8.83 4.67 21.98
N ARG B 221 -9.22 3.54 22.59
CA ARG B 221 -9.38 2.31 21.84
C ARG B 221 -10.42 2.58 20.76
N CYS B 222 -10.39 1.85 19.65
CA CYS B 222 -11.22 2.19 18.51
C CYS B 222 -11.96 0.96 17.99
N ARG B 223 -13.06 1.21 17.28
CA ARG B 223 -14.13 0.24 17.08
C ARG B 223 -13.71 -1.00 16.29
N GLU B 224 -14.59 -1.99 16.24
CA GLU B 224 -14.29 -3.31 15.71
C GLU B 224 -14.81 -3.43 14.28
N LEU B 225 -14.11 -4.19 13.45
CA LEU B 225 -14.55 -4.41 12.08
C LEU B 225 -15.79 -5.30 12.09
N PRO B 226 -16.84 -4.95 11.35
CA PRO B 226 -18.09 -5.69 11.45
C PRO B 226 -18.11 -7.02 10.73
N ALA B 227 -16.95 -7.53 10.32
CA ALA B 227 -16.82 -8.89 9.79
C ALA B 227 -17.74 -9.10 8.59
N GLN B 228 -17.41 -8.42 7.49
CA GLN B 228 -18.29 -8.36 6.34
C GLN B 228 -18.23 -9.64 5.51
N LYS B 229 -19.27 -9.83 4.71
CA LYS B 229 -19.29 -10.83 3.66
C LYS B 229 -18.62 -10.26 2.41
N TRP B 230 -18.83 -10.93 1.27
CA TRP B 230 -18.32 -10.38 0.03
C TRP B 230 -19.23 -9.29 -0.52
N TRP B 231 -20.53 -9.55 -0.61
CA TRP B 231 -21.45 -8.63 -1.27
C TRP B 231 -21.58 -7.29 -0.55
N HIS B 232 -21.13 -7.22 0.69
CA HIS B 232 -21.20 -5.97 1.43
C HIS B 232 -20.16 -5.01 0.90
N THR B 233 -19.47 -5.43 -0.16
CA THR B 233 -18.42 -4.60 -0.72
C THR B 233 -18.65 -4.34 -2.20
N GLY B 234 -18.70 -3.08 -2.59
CA GLY B 234 -18.84 -2.75 -4.00
C GLY B 234 -20.24 -2.79 -4.56
N ALA B 235 -20.39 -3.31 -5.77
CA ALA B 235 -21.68 -3.33 -6.44
C ALA B 235 -22.01 -4.74 -6.91
N LEU B 236 -23.23 -4.90 -7.41
CA LEU B 236 -23.66 -6.09 -8.11
C LEU B 236 -24.04 -5.70 -9.53
N TYR B 237 -24.16 -6.70 -10.41
CA TYR B 237 -24.34 -6.43 -11.83
C TYR B 237 -25.30 -7.46 -12.40
N ARG B 238 -26.50 -7.04 -12.74
CA ARG B 238 -27.51 -7.93 -13.30
C ARG B 238 -27.28 -8.11 -14.78
N ILE B 239 -27.86 -9.17 -15.34
CA ILE B 239 -27.78 -9.47 -16.76
C ILE B 239 -29.12 -10.09 -17.15
N GLY B 240 -29.88 -9.40 -18.01
CA GLY B 240 -31.14 -9.91 -18.47
C GLY B 240 -31.01 -11.12 -19.38
N ASP B 241 -30.42 -10.93 -20.56
CA ASP B 241 -30.24 -11.98 -21.54
C ASP B 241 -28.78 -12.02 -21.93
N LEU B 242 -28.21 -13.23 -22.00
CA LEU B 242 -26.78 -13.36 -22.28
C LEU B 242 -26.45 -13.07 -23.74
N GLN B 243 -27.35 -13.43 -24.66
CA GLN B 243 -27.06 -13.17 -26.07
C GLN B 243 -27.05 -11.68 -26.38
N ALA B 244 -28.00 -10.93 -25.86
CA ALA B 244 -28.04 -9.49 -26.04
C ALA B 244 -26.92 -8.76 -25.31
N PHE B 245 -26.13 -9.47 -24.52
CA PHE B 245 -25.03 -8.84 -23.79
C PHE B 245 -23.85 -8.52 -24.70
N GLN B 246 -23.24 -9.55 -25.28
CA GLN B 246 -22.01 -9.33 -26.02
C GLN B 246 -22.33 -8.63 -27.29
N GLY B 247 -23.61 -8.59 -27.58
CA GLY B 247 -24.02 -8.00 -28.83
C GLY B 247 -24.15 -9.09 -29.86
N HIS B 248 -24.31 -10.34 -29.41
CA HIS B 248 -24.34 -11.44 -30.36
C HIS B 248 -25.53 -12.39 -30.24
N GLY B 249 -25.96 -12.94 -31.38
CA GLY B 249 -27.11 -13.81 -31.38
C GLY B 249 -26.85 -15.22 -30.89
N ALA B 250 -25.62 -15.52 -30.54
CA ALA B 250 -25.31 -16.84 -29.98
C ALA B 250 -25.05 -16.75 -28.48
N GLY B 251 -25.92 -17.33 -27.68
CA GLY B 251 -25.66 -17.35 -26.25
C GLY B 251 -24.34 -18.05 -26.16
N ASN B 252 -23.46 -17.58 -25.28
CA ASN B 252 -22.15 -18.20 -25.25
C ASN B 252 -21.35 -17.91 -24.01
N LEU B 253 -21.43 -18.81 -23.04
CA LEU B 253 -20.56 -18.63 -21.89
C LEU B 253 -19.13 -18.34 -22.31
N ALA B 254 -18.67 -18.99 -23.38
CA ALA B 254 -17.36 -18.67 -23.94
C ALA B 254 -17.32 -17.22 -24.42
N GLY B 255 -18.46 -16.70 -24.87
CA GLY B 255 -18.52 -15.29 -25.25
C GLY B 255 -18.29 -14.35 -24.09
N LEU B 256 -18.70 -14.76 -22.88
CA LEU B 256 -18.44 -13.94 -21.71
C LEU B 256 -16.96 -13.85 -21.37
N LYS B 257 -16.21 -14.88 -21.72
CA LYS B 257 -14.77 -14.84 -21.48
C LYS B 257 -14.21 -13.49 -21.93
N GLY B 258 -14.85 -12.85 -22.91
CA GLY B 258 -14.41 -11.55 -23.37
C GLY B 258 -15.22 -10.43 -22.76
N ARG B 259 -15.97 -10.73 -21.70
CA ARG B 259 -16.79 -9.73 -21.04
C ARG B 259 -16.45 -9.70 -19.57
N LEU B 260 -15.95 -10.81 -19.05
CA LEU B 260 -15.52 -10.85 -17.66
C LEU B 260 -14.63 -9.66 -17.45
N ASP B 261 -13.63 -9.52 -18.33
CA ASP B 261 -12.73 -8.37 -18.25
C ASP B 261 -13.52 -7.08 -18.13
N TYR B 262 -14.47 -6.90 -19.03
CA TYR B 262 -15.26 -5.67 -19.02
C TYR B 262 -15.96 -5.45 -17.70
N LEU B 263 -16.55 -6.49 -17.16
CA LEU B 263 -17.20 -6.39 -15.86
C LEU B 263 -16.17 -5.91 -14.86
N SER B 264 -14.99 -6.51 -14.88
CA SER B 264 -13.92 -6.10 -13.98
C SER B 264 -13.51 -4.67 -14.28
N SER B 265 -13.63 -4.25 -15.53
CA SER B 265 -13.33 -2.87 -15.88
C SER B 265 -14.28 -1.98 -15.13
N LEU B 266 -15.53 -2.42 -14.97
CA LEU B 266 -16.49 -1.66 -14.19
C LEU B 266 -16.30 -1.99 -12.72
N LYS B 267 -15.30 -2.82 -12.43
CA LYS B 267 -15.00 -3.19 -11.04
C LYS B 267 -16.25 -3.67 -10.35
N VAL B 268 -16.82 -4.77 -10.83
CA VAL B 268 -18.04 -5.29 -10.24
C VAL B 268 -17.73 -6.30 -9.14
N LYS B 269 -18.28 -6.08 -7.95
CA LYS B 269 -18.07 -7.00 -6.84
C LYS B 269 -19.23 -7.96 -6.81
N GLY B 270 -19.31 -8.83 -7.80
CA GLY B 270 -20.41 -9.75 -7.92
C GLY B 270 -20.94 -9.72 -9.33
N LEU B 271 -21.98 -10.52 -9.56
CA LEU B 271 -22.54 -10.71 -10.88
C LEU B 271 -23.83 -11.51 -10.74
N VAL B 272 -24.80 -11.24 -11.61
CA VAL B 272 -26.05 -11.99 -11.63
C VAL B 272 -26.27 -12.44 -13.06
N LEU B 273 -25.87 -13.68 -13.36
CA LEU B 273 -26.24 -14.27 -14.64
C LEU B 273 -27.75 -14.29 -14.78
N GLY B 274 -28.21 -14.26 -16.03
CA GLY B 274 -29.59 -14.53 -16.30
C GLY B 274 -29.92 -15.97 -16.02
N PRO B 275 -31.18 -16.32 -16.21
CA PRO B 275 -31.56 -17.73 -16.04
C PRO B 275 -31.06 -18.58 -17.19
N ILE B 276 -29.99 -19.34 -16.95
CA ILE B 276 -29.34 -20.12 -18.00
C ILE B 276 -29.86 -21.54 -18.07
N HIS B 277 -30.77 -21.92 -17.17
CA HIS B 277 -31.37 -23.24 -17.23
C HIS B 277 -32.25 -23.38 -18.46
N LYS B 278 -32.70 -24.61 -18.71
CA LYS B 278 -33.57 -24.87 -19.85
C LYS B 278 -34.99 -24.41 -19.53
N ASN B 279 -35.62 -23.73 -20.50
CA ASN B 279 -36.98 -23.23 -20.35
C ASN B 279 -37.68 -23.36 -21.69
N GLN B 280 -38.69 -24.21 -21.74
CA GLN B 280 -39.40 -24.46 -23.00
C GLN B 280 -40.75 -23.73 -23.03
N LYS B 281 -41.63 -24.03 -22.08
CA LYS B 281 -42.95 -23.41 -22.02
C LYS B 281 -43.57 -23.74 -20.67
N ASP B 282 -44.86 -23.41 -20.51
CA ASP B 282 -45.57 -23.45 -19.24
C ASP B 282 -45.48 -24.80 -18.54
N ASP B 283 -45.02 -25.85 -19.23
CA ASP B 283 -44.83 -27.14 -18.58
C ASP B 283 -43.94 -26.97 -17.35
N VAL B 284 -44.37 -27.58 -16.25
CA VAL B 284 -43.74 -27.37 -14.95
C VAL B 284 -42.68 -28.44 -14.68
N ALA B 285 -42.86 -29.62 -15.28
CA ALA B 285 -41.91 -30.71 -15.04
C ALA B 285 -40.78 -30.71 -16.06
N GLN B 286 -41.08 -30.42 -17.32
CA GLN B 286 -40.08 -30.49 -18.38
C GLN B 286 -38.99 -29.43 -18.22
N THR B 287 -39.28 -28.32 -17.57
CA THR B 287 -38.27 -27.31 -17.28
C THR B 287 -37.50 -27.72 -16.03
N ASP B 288 -36.25 -28.13 -16.20
CA ASP B 288 -35.42 -28.61 -15.11
C ASP B 288 -34.20 -27.70 -14.98
N LEU B 289 -33.89 -27.30 -13.74
CA LEU B 289 -32.84 -26.34 -13.47
C LEU B 289 -31.46 -26.97 -13.32
N LEU B 290 -31.29 -28.23 -13.75
CA LEU B 290 -30.01 -28.91 -13.54
C LEU B 290 -29.16 -29.00 -14.80
N GLN B 291 -29.70 -28.67 -15.96
CA GLN B 291 -28.96 -28.69 -17.21
C GLN B 291 -28.99 -27.31 -17.84
N ILE B 292 -27.86 -26.90 -18.40
CA ILE B 292 -27.75 -25.59 -19.05
C ILE B 292 -28.24 -25.69 -20.48
N ASP B 293 -28.86 -24.62 -20.97
CA ASP B 293 -29.32 -24.57 -22.35
C ASP B 293 -28.11 -24.66 -23.29
N PRO B 294 -28.13 -25.56 -24.28
CA PRO B 294 -26.98 -25.68 -25.18
C PRO B 294 -26.70 -24.43 -25.99
N ASN B 295 -27.70 -23.58 -26.23
CA ASN B 295 -27.46 -22.34 -26.96
C ASN B 295 -26.55 -21.40 -26.18
N PHE B 296 -26.46 -21.58 -24.86
CA PHE B 296 -25.58 -20.76 -24.03
C PHE B 296 -24.25 -21.43 -23.74
N GLY B 297 -24.21 -22.75 -23.71
CA GLY B 297 -22.96 -23.46 -23.49
C GLY B 297 -23.21 -24.83 -22.90
N SER B 298 -22.20 -25.31 -22.17
CA SER B 298 -22.25 -26.64 -21.56
C SER B 298 -21.91 -26.56 -20.08
N LYS B 299 -21.70 -27.70 -19.44
CA LYS B 299 -21.25 -27.70 -18.05
C LYS B 299 -19.78 -27.34 -17.93
N GLU B 300 -18.94 -27.86 -18.82
CA GLU B 300 -17.50 -27.70 -18.69
C GLU B 300 -17.07 -26.25 -18.88
N ASP B 301 -17.53 -25.61 -19.95
CA ASP B 301 -17.22 -24.19 -20.13
C ASP B 301 -17.86 -23.34 -19.04
N PHE B 302 -18.97 -23.81 -18.46
CA PHE B 302 -19.57 -23.12 -17.32
C PHE B 302 -18.62 -23.13 -16.12
N ASP B 303 -18.09 -24.30 -15.78
CA ASP B 303 -17.13 -24.38 -14.69
C ASP B 303 -15.86 -23.62 -15.02
N SER B 304 -15.47 -23.60 -16.30
CA SER B 304 -14.32 -22.79 -16.71
C SER B 304 -14.59 -21.31 -16.46
N LEU B 305 -15.81 -20.87 -16.74
CA LEU B 305 -16.20 -19.50 -16.43
C LEU B 305 -16.11 -19.24 -14.94
N LEU B 306 -16.59 -20.19 -14.13
CA LEU B 306 -16.49 -20.04 -12.68
C LEU B 306 -15.03 -19.91 -12.24
N GLN B 307 -14.14 -20.73 -12.79
CA GLN B 307 -12.75 -20.70 -12.37
C GLN B 307 -12.07 -19.40 -12.80
N SER B 308 -12.31 -18.98 -14.04
CA SER B 308 -11.75 -17.71 -14.50
C SER B 308 -12.27 -16.54 -13.68
N ALA B 309 -13.55 -16.57 -13.34
CA ALA B 309 -14.12 -15.51 -12.49
C ALA B 309 -13.46 -15.50 -11.13
N LYS B 310 -13.32 -16.67 -10.51
CA LYS B 310 -12.68 -16.76 -9.21
C LYS B 310 -11.23 -16.31 -9.28
N LYS B 311 -10.59 -16.46 -10.44
CA LYS B 311 -9.22 -16.00 -10.57
C LYS B 311 -9.13 -14.49 -10.58
N LYS B 312 -10.20 -13.81 -10.96
CA LYS B 312 -10.27 -12.35 -10.92
C LYS B 312 -11.18 -11.84 -9.82
N SER B 313 -11.67 -12.72 -8.95
CA SER B 313 -12.56 -12.37 -7.85
C SER B 313 -13.85 -11.71 -8.36
N ILE B 314 -14.61 -12.49 -9.12
CA ILE B 314 -15.93 -12.10 -9.59
C ILE B 314 -16.85 -13.29 -9.28
N ARG B 315 -17.47 -13.28 -8.11
CA ARG B 315 -18.30 -14.40 -7.70
C ARG B 315 -19.65 -14.34 -8.41
N VAL B 316 -20.08 -15.48 -8.92
CA VAL B 316 -21.20 -15.56 -9.85
C VAL B 316 -22.44 -16.04 -9.10
N ILE B 317 -23.50 -15.26 -9.15
CA ILE B 317 -24.80 -15.64 -8.61
C ILE B 317 -25.64 -16.16 -9.76
N LEU B 318 -26.35 -17.25 -9.53
CA LEU B 318 -27.15 -17.88 -10.57
C LEU B 318 -28.60 -17.49 -10.40
N ASP B 319 -29.25 -17.18 -11.52
CA ASP B 319 -30.64 -16.77 -11.54
C ASP B 319 -31.54 -17.99 -11.55
N LEU B 320 -32.36 -18.14 -10.51
CA LEU B 320 -33.13 -19.35 -10.30
C LEU B 320 -34.62 -19.13 -10.52
N THR B 321 -34.99 -18.05 -11.19
CA THR B 321 -36.39 -17.88 -11.58
C THR B 321 -36.72 -18.91 -12.65
N PRO B 322 -37.67 -19.82 -12.41
CA PRO B 322 -37.90 -20.92 -13.36
C PRO B 322 -38.38 -20.49 -14.74
N ASN B 323 -39.49 -19.75 -14.81
CA ASN B 323 -40.09 -19.40 -16.10
C ASN B 323 -39.73 -17.97 -16.50
N TYR B 324 -38.55 -17.83 -17.08
CA TYR B 324 -38.16 -16.56 -17.68
C TYR B 324 -38.58 -16.45 -19.14
N ARG B 325 -39.46 -17.34 -19.60
CA ARG B 325 -40.01 -17.27 -20.95
C ARG B 325 -41.53 -17.42 -20.89
N GLY B 326 -42.13 -16.70 -19.94
CA GLY B 326 -43.57 -16.74 -19.75
C GLY B 326 -44.01 -15.52 -18.96
N GLU B 327 -45.30 -15.50 -18.65
CA GLU B 327 -45.87 -14.35 -17.94
C GLU B 327 -45.44 -14.36 -16.47
N ASN B 328 -45.41 -15.53 -15.84
CA ASN B 328 -44.94 -15.67 -14.47
C ASN B 328 -43.65 -16.49 -14.46
N SER B 329 -42.86 -16.31 -13.39
CA SER B 329 -41.60 -17.01 -13.24
C SER B 329 -41.77 -18.44 -12.73
N TRP B 330 -42.85 -18.76 -12.04
CA TRP B 330 -43.02 -20.04 -11.38
C TRP B 330 -43.83 -21.02 -12.24
N PHE B 331 -44.18 -20.61 -13.46
CA PHE B 331 -45.05 -21.37 -14.37
C PHE B 331 -46.46 -21.31 -13.81
N SER B 332 -46.68 -20.77 -12.60
CA SER B 332 -47.98 -20.77 -11.95
C SER B 332 -47.90 -19.91 -10.70
N THR B 333 -48.97 -19.15 -10.44
CA THR B 333 -49.02 -18.37 -9.20
C THR B 333 -49.22 -19.27 -7.99
N GLN B 334 -49.92 -20.40 -8.17
CA GLN B 334 -50.38 -21.17 -7.02
C GLN B 334 -49.43 -22.31 -6.66
N VAL B 335 -49.18 -23.22 -7.60
CA VAL B 335 -48.45 -24.46 -7.30
C VAL B 335 -47.01 -24.15 -6.98
N ASP B 336 -46.44 -24.90 -6.02
CA ASP B 336 -45.08 -24.65 -5.55
C ASP B 336 -44.26 -25.94 -5.45
N THR B 337 -44.43 -26.86 -6.40
CA THR B 337 -43.45 -27.93 -6.56
C THR B 337 -42.18 -27.39 -7.21
N VAL B 338 -42.31 -26.31 -7.97
CA VAL B 338 -41.14 -25.60 -8.47
C VAL B 338 -40.27 -25.14 -7.30
N ALA B 339 -40.87 -24.97 -6.13
CA ALA B 339 -40.10 -24.65 -4.93
C ALA B 339 -39.24 -25.83 -4.52
N THR B 340 -39.76 -27.05 -4.65
CA THR B 340 -38.94 -28.23 -4.41
C THR B 340 -37.81 -28.33 -5.42
N LYS B 341 -38.12 -27.98 -6.67
CA LYS B 341 -37.11 -27.89 -7.72
C LYS B 341 -36.03 -26.90 -7.31
N VAL B 342 -36.44 -25.77 -6.75
CA VAL B 342 -35.48 -24.81 -6.21
C VAL B 342 -34.62 -25.47 -5.14
N LYS B 343 -35.25 -26.19 -4.20
CA LYS B 343 -34.48 -26.77 -3.10
C LYS B 343 -33.37 -27.69 -3.61
N ASP B 344 -33.71 -28.66 -4.46
CA ASP B 344 -32.65 -29.59 -4.87
C ASP B 344 -31.68 -28.92 -5.85
N ALA B 345 -32.15 -27.93 -6.61
CA ALA B 345 -31.23 -27.17 -7.45
C ALA B 345 -30.21 -26.43 -6.61
N LEU B 346 -30.59 -25.98 -5.42
CA LEU B 346 -29.64 -25.33 -4.52
C LEU B 346 -28.44 -26.25 -4.27
N GLU B 347 -28.70 -27.45 -3.76
CA GLU B 347 -27.59 -28.34 -3.43
C GLU B 347 -26.81 -28.73 -4.68
N PHE B 348 -27.51 -28.97 -5.79
CA PHE B 348 -26.82 -29.31 -7.03
C PHE B 348 -25.83 -28.24 -7.43
N TRP B 349 -26.31 -27.00 -7.60
CA TRP B 349 -25.43 -25.94 -8.06
C TRP B 349 -24.45 -25.49 -6.99
N LEU B 350 -24.71 -25.77 -5.72
CA LEU B 350 -23.74 -25.44 -4.68
C LEU B 350 -22.58 -26.42 -4.70
N GLN B 351 -22.86 -27.70 -4.97
CA GLN B 351 -21.76 -28.61 -5.28
C GLN B 351 -21.14 -28.28 -6.63
N ALA B 352 -21.86 -27.59 -7.50
CA ALA B 352 -21.25 -27.10 -8.74
C ALA B 352 -20.32 -25.94 -8.48
N GLY B 353 -20.71 -25.02 -7.59
CA GLY B 353 -19.82 -23.93 -7.22
C GLY B 353 -20.40 -22.53 -7.30
N VAL B 354 -21.72 -22.41 -7.37
CA VAL B 354 -22.34 -21.08 -7.39
C VAL B 354 -22.16 -20.42 -6.03
N ASP B 355 -22.23 -19.09 -6.01
CA ASP B 355 -22.03 -18.32 -4.80
C ASP B 355 -23.30 -17.60 -4.36
N GLY B 356 -24.46 -18.16 -4.70
CA GLY B 356 -25.71 -17.59 -4.25
C GLY B 356 -26.85 -17.97 -5.17
N PHE B 357 -27.99 -17.33 -4.96
CA PHE B 357 -29.17 -17.55 -5.77
C PHE B 357 -30.06 -16.32 -5.71
N GLN B 358 -30.88 -16.15 -6.75
CA GLN B 358 -31.82 -15.04 -6.81
C GLN B 358 -33.11 -15.49 -7.46
N VAL B 359 -34.22 -15.14 -6.84
CA VAL B 359 -35.55 -15.39 -7.40
C VAL B 359 -36.31 -14.08 -7.44
N ARG B 360 -37.15 -13.92 -8.45
CA ARG B 360 -37.90 -12.69 -8.68
C ARG B 360 -39.38 -13.00 -8.70
N ASP B 361 -40.18 -11.95 -8.92
CA ASP B 361 -41.64 -12.05 -8.98
C ASP B 361 -42.20 -12.67 -7.71
N ILE B 362 -41.71 -12.18 -6.56
CA ILE B 362 -42.10 -12.74 -5.27
C ILE B 362 -43.53 -12.41 -4.90
N GLU B 363 -44.05 -11.26 -5.34
CA GLU B 363 -45.44 -10.93 -5.07
C GLU B 363 -46.40 -11.95 -5.69
N ASN B 364 -45.96 -12.67 -6.72
CA ASN B 364 -46.80 -13.65 -7.39
C ASN B 364 -46.67 -15.05 -6.80
N LEU B 365 -45.78 -15.26 -5.84
CA LEU B 365 -45.64 -16.55 -5.17
C LEU B 365 -46.34 -16.49 -3.82
N LYS B 366 -47.24 -17.43 -3.59
CA LYS B 366 -47.96 -17.50 -2.32
C LYS B 366 -47.17 -18.32 -1.31
N ASP B 367 -47.52 -18.14 -0.03
CA ASP B 367 -46.81 -18.75 1.09
C ASP B 367 -45.31 -18.41 1.02
N ALA B 368 -45.06 -17.13 0.78
CA ALA B 368 -43.70 -16.67 0.50
C ALA B 368 -42.79 -16.82 1.72
N SER B 369 -43.17 -16.20 2.84
CA SER B 369 -42.26 -16.09 3.98
C SER B 369 -41.71 -17.43 4.43
N SER B 370 -42.52 -18.48 4.37
CA SER B 370 -42.03 -19.81 4.74
C SER B 370 -40.93 -20.29 3.80
N PHE B 371 -41.15 -20.13 2.48
CA PHE B 371 -40.14 -20.53 1.51
C PHE B 371 -38.87 -19.70 1.66
N LEU B 372 -39.02 -18.40 1.88
CA LEU B 372 -37.85 -17.54 2.09
C LEU B 372 -37.07 -17.99 3.31
N ALA B 373 -37.77 -18.27 4.42
CA ALA B 373 -37.09 -18.71 5.63
C ALA B 373 -36.37 -20.03 5.41
N GLU B 374 -37.03 -21.00 4.77
CA GLU B 374 -36.42 -22.31 4.57
C GLU B 374 -35.21 -22.21 3.66
N TRP B 375 -35.33 -21.48 2.55
CA TRP B 375 -34.21 -21.32 1.63
C TRP B 375 -33.06 -20.57 2.28
N GLN B 376 -33.36 -19.52 3.04
CA GLN B 376 -32.32 -18.80 3.79
C GLN B 376 -31.60 -19.74 4.75
N ASN B 377 -32.37 -20.57 5.47
CA ASN B 377 -31.77 -21.48 6.45
C ASN B 377 -30.85 -22.49 5.77
N ILE B 378 -31.32 -23.11 4.68
CA ILE B 378 -30.49 -24.13 4.02
C ILE B 378 -29.28 -23.49 3.36
N THR B 379 -29.47 -22.30 2.78
CA THR B 379 -28.37 -21.58 2.16
C THR B 379 -27.31 -21.18 3.19
N LYS B 380 -27.72 -20.83 4.41
CA LYS B 380 -26.75 -20.54 5.45
C LYS B 380 -26.16 -21.83 6.01
N GLY B 381 -26.88 -22.94 5.89
CA GLY B 381 -26.34 -24.22 6.31
C GLY B 381 -25.27 -24.75 5.38
N PHE B 382 -25.35 -24.39 4.10
CA PHE B 382 -24.31 -24.82 3.17
C PHE B 382 -23.00 -24.06 3.42
N SER B 383 -23.10 -22.76 3.69
CA SER B 383 -21.94 -21.96 4.04
C SER B 383 -22.42 -20.65 4.64
N GLU B 384 -21.47 -19.84 5.09
CA GLU B 384 -21.77 -18.53 5.63
C GLU B 384 -21.86 -17.45 4.55
N ASP B 385 -21.27 -17.68 3.38
CA ASP B 385 -21.14 -16.66 2.36
C ASP B 385 -22.06 -16.89 1.16
N ARG B 386 -23.04 -17.77 1.29
CA ARG B 386 -24.00 -17.99 0.22
C ARG B 386 -25.22 -17.11 0.43
N LEU B 387 -25.67 -16.49 -0.67
CA LEU B 387 -26.60 -15.36 -0.61
C LEU B 387 -27.87 -15.68 -1.38
N LEU B 388 -28.99 -15.12 -0.92
CA LEU B 388 -30.26 -15.22 -1.61
C LEU B 388 -30.85 -13.82 -1.76
N ILE B 389 -31.31 -13.50 -2.96
CA ILE B 389 -31.85 -12.18 -3.29
C ILE B 389 -33.25 -12.36 -3.85
N ALA B 390 -34.23 -11.74 -3.21
CA ALA B 390 -35.61 -11.78 -3.69
C ALA B 390 -35.96 -10.45 -4.34
N GLY B 391 -36.81 -10.51 -5.36
CA GLY B 391 -37.17 -9.33 -6.10
C GLY B 391 -38.66 -9.20 -6.38
N THR B 392 -39.24 -8.05 -6.02
CA THR B 392 -40.66 -7.81 -6.23
C THR B 392 -40.85 -6.40 -6.75
N ASN B 393 -41.98 -6.19 -7.43
CA ASN B 393 -42.35 -4.90 -7.99
C ASN B 393 -43.23 -4.09 -7.05
N SER B 394 -43.20 -4.37 -5.75
CA SER B 394 -44.02 -3.63 -4.81
C SER B 394 -43.51 -2.21 -4.67
N SER B 395 -44.37 -1.35 -4.11
CA SER B 395 -44.03 0.05 -3.92
C SER B 395 -44.51 0.63 -2.60
N ASP B 396 -45.09 -0.17 -1.71
CA ASP B 396 -45.57 0.32 -0.42
C ASP B 396 -44.68 -0.23 0.69
N LEU B 397 -44.38 0.64 1.67
CA LEU B 397 -43.45 0.25 2.72
C LEU B 397 -44.00 -0.89 3.58
N GLN B 398 -45.32 -1.01 3.65
CA GLN B 398 -45.92 -2.02 4.53
C GLN B 398 -45.66 -3.43 4.02
N GLN B 399 -45.84 -3.66 2.71
CA GLN B 399 -45.54 -4.98 2.17
C GLN B 399 -44.08 -5.33 2.36
N ILE B 400 -43.18 -4.36 2.16
CA ILE B 400 -41.76 -4.60 2.37
C ILE B 400 -41.49 -5.02 3.81
N LEU B 401 -41.94 -4.22 4.77
CA LEU B 401 -41.72 -4.53 6.17
C LEU B 401 -42.31 -5.89 6.54
N SER B 402 -43.45 -6.25 5.94
CA SER B 402 -44.01 -7.57 6.21
C SER B 402 -43.15 -8.68 5.62
N LEU B 403 -42.49 -8.42 4.49
CA LEU B 403 -41.60 -9.43 3.92
C LEU B 403 -40.28 -9.53 4.67
N LEU B 404 -39.87 -8.49 5.37
CA LEU B 404 -38.60 -8.47 6.09
C LEU B 404 -38.79 -8.70 7.58
N GLU B 405 -39.74 -9.56 7.94
CA GLU B 405 -40.05 -9.82 9.34
C GLU B 405 -39.21 -10.97 9.91
N SER B 406 -39.18 -12.11 9.22
CA SER B 406 -38.58 -13.31 9.79
C SER B 406 -37.07 -13.30 9.67
N ASN B 407 -36.55 -13.35 8.45
CA ASN B 407 -35.12 -13.41 8.22
C ASN B 407 -34.60 -12.06 7.75
N LYS B 408 -33.36 -11.75 8.12
CA LYS B 408 -32.77 -10.45 7.83
C LYS B 408 -31.57 -10.49 6.92
N ASP B 409 -31.11 -11.67 6.48
CA ASP B 409 -30.10 -11.76 5.44
C ASP B 409 -30.71 -11.64 4.05
N LEU B 410 -32.03 -11.49 3.96
CA LEU B 410 -32.73 -11.37 2.69
C LEU B 410 -32.50 -9.97 2.12
N LEU B 411 -31.89 -9.90 0.95
CA LEU B 411 -31.72 -8.63 0.24
C LEU B 411 -32.87 -8.50 -0.75
N LEU B 412 -33.76 -7.54 -0.50
CA LEU B 412 -34.99 -7.39 -1.27
C LEU B 412 -34.88 -6.17 -2.17
N THR B 413 -35.02 -6.37 -3.48
CA THR B 413 -35.01 -5.30 -4.46
C THR B 413 -36.45 -4.96 -4.84
N SER B 414 -36.80 -3.69 -4.74
CA SER B 414 -38.16 -3.24 -5.00
C SER B 414 -38.12 -1.93 -5.78
N SER B 415 -39.31 -1.46 -6.17
CA SER B 415 -39.48 -0.21 -6.89
C SER B 415 -39.73 0.96 -5.94
N TYR B 416 -39.18 0.90 -4.74
CA TYR B 416 -39.51 1.87 -3.70
C TYR B 416 -38.94 3.24 -3.99
N LEU B 417 -37.82 3.29 -4.68
CA LEU B 417 -37.14 4.56 -4.85
C LEU B 417 -37.47 5.23 -6.14
N SER B 418 -38.17 4.54 -7.03
CA SER B 418 -38.46 5.09 -8.35
C SER B 418 -39.45 6.25 -8.30
N ASP B 419 -38.93 7.47 -8.23
CA ASP B 419 -39.79 8.64 -8.15
C ASP B 419 -39.40 9.68 -9.20
N SER B 420 -40.32 9.99 -10.10
CA SER B 420 -40.04 10.97 -11.14
C SER B 420 -39.76 12.34 -10.54
N GLY B 421 -40.66 12.80 -9.68
CA GLY B 421 -40.46 14.09 -9.03
C GLY B 421 -39.25 14.03 -8.13
N SER B 422 -39.23 13.06 -7.24
CA SER B 422 -38.07 12.88 -6.35
C SER B 422 -37.48 14.21 -5.90
N THR B 423 -38.31 15.08 -5.31
CA THR B 423 -37.80 16.34 -4.81
C THR B 423 -36.71 16.07 -3.78
N GLY B 424 -35.84 17.04 -3.55
CA GLY B 424 -34.75 16.83 -2.61
C GLY B 424 -35.25 16.43 -1.24
N GLU B 425 -36.46 16.87 -0.88
CA GLU B 425 -36.98 16.55 0.41
C GLU B 425 -37.87 15.34 0.24
N HIS B 426 -38.12 14.96 -1.01
CA HIS B 426 -38.90 13.73 -1.21
C HIS B 426 -38.01 12.50 -1.11
N THR B 427 -36.91 12.49 -1.85
CA THR B 427 -35.97 11.37 -1.74
C THR B 427 -35.43 11.23 -0.33
N LYS B 428 -35.10 12.35 0.31
CA LYS B 428 -34.63 12.32 1.69
C LYS B 428 -35.66 11.62 2.58
N SER B 429 -36.91 12.05 2.51
CA SER B 429 -37.96 11.45 3.32
C SER B 429 -38.08 9.95 3.05
N LEU B 430 -38.13 9.58 1.77
CA LEU B 430 -38.29 8.17 1.42
C LEU B 430 -37.15 7.33 2.00
N VAL B 431 -35.91 7.74 1.78
CA VAL B 431 -34.76 6.97 2.24
C VAL B 431 -34.74 6.89 3.75
N THR B 432 -34.95 8.03 4.43
CA THR B 432 -34.81 8.03 5.87
C THR B 432 -35.93 7.23 6.53
N GLN B 433 -37.13 7.24 5.95
CA GLN B 433 -38.20 6.42 6.49
C GLN B 433 -37.92 4.94 6.27
N TYR B 434 -37.41 4.60 5.08
CA TYR B 434 -37.03 3.21 4.82
C TYR B 434 -35.99 2.73 5.82
N LEU B 435 -35.03 3.59 6.17
CA LEU B 435 -34.00 3.17 7.12
C LEU B 435 -34.52 3.13 8.54
N ASN B 436 -35.36 4.10 8.93
CA ASN B 436 -35.90 4.12 10.28
C ASN B 436 -36.84 2.95 10.53
N ALA B 437 -37.47 2.42 9.49
CA ALA B 437 -38.34 1.27 9.66
C ALA B 437 -37.56 0.03 10.07
N THR B 438 -36.29 -0.04 9.71
CA THR B 438 -35.48 -1.23 9.96
C THR B 438 -34.31 -0.98 10.92
N GLY B 439 -34.19 0.23 11.45
CA GLY B 439 -33.13 0.50 12.41
C GLY B 439 -31.73 0.43 11.83
N ASN B 440 -31.56 0.94 10.62
CA ASN B 440 -30.26 1.02 9.94
C ASN B 440 -29.63 -0.36 9.73
N ARG B 441 -30.41 -1.33 9.29
CA ARG B 441 -29.84 -2.63 8.94
C ARG B 441 -29.24 -2.55 7.53
N TRP B 442 -28.93 -3.72 6.97
CA TRP B 442 -28.41 -3.79 5.61
C TRP B 442 -29.56 -3.99 4.62
N CYS B 443 -29.42 -3.44 3.42
CA CYS B 443 -30.48 -3.48 2.44
C CYS B 443 -29.87 -3.48 1.03
N SER B 444 -30.74 -3.31 0.04
CA SER B 444 -30.34 -3.25 -1.36
C SER B 444 -30.91 -1.99 -2.00
N TRP B 445 -30.10 -1.35 -2.84
CA TRP B 445 -30.47 -0.07 -3.45
C TRP B 445 -30.53 -0.23 -4.96
N SER B 446 -31.74 -0.29 -5.50
CA SER B 446 -31.92 -0.27 -6.94
C SER B 446 -33.34 0.14 -7.26
N LEU B 447 -33.49 0.78 -8.42
CA LEU B 447 -34.79 1.33 -8.82
C LEU B 447 -35.81 0.26 -9.15
N SER B 448 -35.40 -0.83 -9.80
CA SER B 448 -36.38 -1.83 -10.23
C SER B 448 -35.73 -3.20 -10.26
N GLN B 449 -36.56 -4.21 -10.50
CA GLN B 449 -36.10 -5.59 -10.47
C GLN B 449 -35.37 -5.98 -11.75
N ALA B 450 -35.87 -5.56 -12.90
CA ALA B 450 -35.25 -5.95 -14.17
C ALA B 450 -35.22 -4.83 -15.20
N ARG B 451 -35.67 -3.62 -14.86
CA ARG B 451 -35.65 -2.51 -15.79
C ARG B 451 -34.39 -1.68 -15.58
N LEU B 452 -34.03 -0.92 -16.61
CA LEU B 452 -32.85 -0.07 -16.56
C LEU B 452 -33.21 1.27 -15.93
N LEU B 453 -32.19 1.99 -15.48
CA LEU B 453 -32.42 3.28 -14.82
C LEU B 453 -33.09 4.27 -15.78
N THR B 454 -32.68 4.25 -17.05
CA THR B 454 -33.19 5.22 -18.00
C THR B 454 -34.66 5.01 -18.32
N SER B 455 -35.24 3.89 -17.92
CA SER B 455 -36.66 3.65 -18.18
C SER B 455 -37.58 4.57 -17.38
N PHE B 456 -37.02 5.41 -16.50
CA PHE B 456 -37.82 6.34 -15.73
C PHE B 456 -37.25 7.75 -15.66
N LEU B 457 -36.00 7.95 -16.06
CA LEU B 457 -35.31 9.21 -15.85
C LEU B 457 -34.87 9.82 -17.17
N PRO B 458 -34.67 11.13 -17.21
CA PRO B 458 -34.11 11.76 -18.40
C PRO B 458 -32.60 11.59 -18.46
N ALA B 459 -32.02 12.11 -19.54
CA ALA B 459 -30.59 11.95 -19.77
C ALA B 459 -29.74 12.85 -18.88
N GLN B 460 -30.30 13.94 -18.35
CA GLN B 460 -29.52 14.87 -17.56
C GLN B 460 -29.56 14.57 -16.06
N LEU B 461 -30.08 13.41 -15.66
CA LEU B 461 -30.07 13.01 -14.27
C LEU B 461 -29.38 11.68 -14.00
N LEU B 462 -28.86 11.00 -15.02
CA LEU B 462 -28.25 9.69 -14.78
C LEU B 462 -27.05 9.81 -13.86
N ARG B 463 -26.27 10.88 -13.98
CA ARG B 463 -25.12 11.06 -13.11
C ARG B 463 -25.55 11.29 -11.67
N LEU B 464 -26.66 12.02 -11.49
CA LEU B 464 -27.22 12.21 -10.15
C LEU B 464 -27.47 10.88 -9.46
N TYR B 465 -28.23 9.99 -10.12
CA TYR B 465 -28.56 8.72 -9.49
C TYR B 465 -27.36 7.81 -9.36
N GLN B 466 -26.45 7.82 -10.34
CA GLN B 466 -25.27 6.98 -10.23
C GLN B 466 -24.31 7.46 -9.15
N LEU B 467 -24.42 8.72 -8.74
CA LEU B 467 -23.68 9.14 -7.56
C LEU B 467 -24.45 8.83 -6.27
N MET B 468 -25.79 8.82 -6.33
CA MET B 468 -26.55 8.50 -5.14
C MET B 468 -26.42 7.03 -4.76
N LEU B 469 -26.69 6.13 -5.69
CA LEU B 469 -26.76 4.71 -5.38
C LEU B 469 -25.41 4.12 -5.01
N PHE B 470 -24.31 4.81 -5.31
CA PHE B 470 -22.98 4.35 -4.93
C PHE B 470 -22.54 4.87 -3.58
N THR B 471 -23.44 5.44 -2.79
CA THR B 471 -23.05 5.98 -1.50
C THR B 471 -24.04 5.64 -0.39
N LEU B 472 -25.25 5.25 -0.70
CA LEU B 472 -26.16 4.87 0.37
C LEU B 472 -25.68 3.59 1.05
N PRO B 473 -26.08 3.36 2.30
CA PRO B 473 -25.65 2.15 2.99
C PRO B 473 -26.34 0.90 2.47
N GLY B 474 -25.79 0.32 1.42
CA GLY B 474 -26.33 -0.93 0.89
C GLY B 474 -25.48 -1.46 -0.24
N THR B 475 -26.01 -2.48 -0.88
CA THR B 475 -25.36 -3.03 -2.06
C THR B 475 -26.06 -2.50 -3.30
N PRO B 476 -25.37 -1.78 -4.16
CA PRO B 476 -26.02 -1.22 -5.34
C PRO B 476 -26.22 -2.24 -6.44
N VAL B 477 -27.48 -2.60 -6.73
CA VAL B 477 -27.79 -3.53 -7.81
C VAL B 477 -28.01 -2.75 -9.09
N PHE B 478 -27.24 -3.08 -10.14
CA PHE B 478 -27.35 -2.44 -11.43
C PHE B 478 -27.71 -3.46 -12.51
N SER B 479 -28.49 -3.02 -13.47
CA SER B 479 -28.75 -3.84 -14.65
C SER B 479 -27.73 -3.50 -15.73
N TYR B 480 -27.49 -4.46 -16.62
CA TYR B 480 -26.44 -4.28 -17.62
C TYR B 480 -26.80 -3.16 -18.57
N GLY B 481 -25.79 -2.39 -18.96
CA GLY B 481 -25.98 -1.27 -19.85
C GLY B 481 -26.11 0.07 -19.17
N ASP B 482 -26.17 0.11 -17.84
CA ASP B 482 -26.35 1.39 -17.17
C ASP B 482 -25.03 2.03 -16.77
N GLU B 483 -23.90 1.43 -17.14
CA GLU B 483 -22.62 2.09 -16.97
C GLU B 483 -22.25 2.96 -18.17
N ILE B 484 -23.06 2.95 -19.22
CA ILE B 484 -22.87 3.81 -20.38
C ILE B 484 -24.04 4.74 -20.58
N GLY B 485 -25.09 4.63 -19.79
CA GLY B 485 -26.30 5.39 -20.04
C GLY B 485 -27.07 4.89 -21.24
N LEU B 486 -27.00 3.59 -21.52
CA LEU B 486 -27.75 3.01 -22.62
C LEU B 486 -29.23 3.33 -22.49
N ASP B 487 -29.84 3.74 -23.59
CA ASP B 487 -31.26 4.08 -23.62
C ASP B 487 -31.94 3.27 -24.72
N ALA B 488 -32.99 2.53 -24.34
CA ALA B 488 -33.72 1.73 -25.30
C ALA B 488 -34.77 2.52 -26.07
N ALA B 489 -34.94 3.81 -25.78
CA ALA B 489 -35.90 4.64 -26.48
C ALA B 489 -35.29 5.36 -27.68
N ALA B 490 -33.99 5.65 -27.65
CA ALA B 490 -33.33 6.28 -28.79
C ALA B 490 -32.86 5.26 -29.81
N LEU B 491 -32.38 4.10 -29.35
CA LEU B 491 -32.01 3.02 -30.25
C LEU B 491 -33.28 2.28 -30.69
N PRO B 492 -33.61 2.32 -31.97
CA PRO B 492 -34.85 1.66 -32.43
C PRO B 492 -34.59 0.22 -32.86
N GLY B 493 -35.68 -0.48 -33.12
CA GLY B 493 -35.60 -1.85 -33.62
C GLY B 493 -35.07 -2.85 -32.61
N GLN B 494 -35.54 -2.80 -31.37
CA GLN B 494 -35.12 -3.73 -30.33
C GLN B 494 -36.09 -3.67 -29.17
N PRO B 495 -36.44 -4.81 -28.58
CA PRO B 495 -37.27 -4.79 -27.37
C PRO B 495 -36.56 -4.08 -26.24
N MET B 496 -37.29 -3.19 -25.56
CA MET B 496 -36.69 -2.35 -24.53
C MET B 496 -36.17 -3.17 -23.35
N GLU B 497 -36.77 -4.35 -23.12
CA GLU B 497 -36.34 -5.17 -22.00
C GLU B 497 -34.99 -5.81 -22.28
N ALA B 498 -34.66 -6.02 -23.56
CA ALA B 498 -33.41 -6.66 -23.98
C ALA B 498 -32.73 -5.80 -25.04
N PRO B 499 -32.04 -4.73 -24.64
CA PRO B 499 -31.26 -3.94 -25.60
C PRO B 499 -29.95 -4.63 -25.97
N VAL B 500 -29.10 -3.95 -26.73
CA VAL B 500 -27.79 -4.48 -27.09
C VAL B 500 -26.71 -3.54 -26.59
N MET B 501 -25.63 -4.10 -26.07
CA MET B 501 -24.51 -3.29 -25.60
C MET B 501 -23.70 -2.76 -26.78
N LEU B 502 -23.45 -1.45 -26.77
CA LEU B 502 -22.75 -0.78 -27.85
C LEU B 502 -21.26 -0.79 -27.53
N TRP B 503 -20.63 -1.94 -27.77
CA TRP B 503 -19.19 -2.06 -27.60
C TRP B 503 -18.46 -1.12 -28.54
N ASP B 504 -18.74 -1.21 -29.83
CA ASP B 504 -18.20 -0.29 -30.82
C ASP B 504 -19.34 0.20 -31.71
N GLU B 505 -19.02 1.14 -32.59
CA GLU B 505 -20.01 1.71 -33.49
C GLU B 505 -20.60 0.67 -34.45
N SER B 506 -19.91 -0.45 -34.65
CA SER B 506 -20.38 -1.52 -35.52
C SER B 506 -20.94 -2.70 -34.74
N SER B 507 -20.96 -2.62 -33.41
CA SER B 507 -21.57 -3.68 -32.61
C SER B 507 -23.04 -3.86 -32.99
N PHE B 508 -23.72 -2.78 -33.34
CA PHE B 508 -25.05 -2.85 -33.89
C PHE B 508 -24.95 -2.81 -35.41
N PRO B 509 -25.15 -3.92 -36.11
CA PRO B 509 -24.99 -3.89 -37.58
C PRO B 509 -26.14 -3.18 -38.29
N ASP B 510 -27.37 -3.34 -37.80
CA ASP B 510 -28.52 -2.77 -38.47
C ASP B 510 -28.58 -1.26 -38.29
N ILE B 511 -29.02 -0.58 -39.35
CA ILE B 511 -29.19 0.87 -39.38
C ILE B 511 -27.89 1.55 -38.91
N PRO B 512 -26.86 1.59 -39.75
CA PRO B 512 -25.62 2.27 -39.36
C PRO B 512 -25.83 3.76 -39.24
N GLY B 513 -24.87 4.42 -38.58
CA GLY B 513 -24.90 5.84 -38.37
C GLY B 513 -25.76 6.29 -37.21
N ALA B 514 -26.74 5.47 -36.81
CA ALA B 514 -27.60 5.82 -35.69
C ALA B 514 -26.84 5.92 -34.38
N VAL B 515 -25.66 5.31 -34.29
CA VAL B 515 -24.87 5.34 -33.07
C VAL B 515 -23.85 6.48 -33.16
N SER B 516 -23.65 7.17 -32.03
CA SER B 516 -22.69 8.24 -31.95
C SER B 516 -21.47 7.77 -31.16
N ALA B 517 -20.48 8.64 -30.99
CA ALA B 517 -19.28 8.30 -30.23
C ALA B 517 -19.50 8.29 -28.72
N ASN B 518 -20.36 9.17 -28.22
CA ASN B 518 -20.69 9.23 -26.80
C ASN B 518 -21.63 8.11 -26.37
N MET B 519 -22.03 7.23 -27.29
CA MET B 519 -22.95 6.16 -26.99
C MET B 519 -22.32 4.78 -26.92
N THR B 520 -20.99 4.69 -26.93
CA THR B 520 -20.29 3.42 -26.85
C THR B 520 -19.32 3.44 -25.68
N VAL B 521 -18.53 2.36 -25.57
CA VAL B 521 -17.60 2.25 -24.45
C VAL B 521 -16.23 2.83 -24.82
N LYS B 522 -15.80 2.66 -26.07
CA LYS B 522 -14.47 3.13 -26.45
C LYS B 522 -14.44 4.65 -26.52
N GLY B 523 -15.45 5.27 -27.14
CA GLY B 523 -15.50 6.71 -27.22
C GLY B 523 -15.64 7.39 -25.88
N GLN B 524 -16.03 6.65 -24.85
CA GLN B 524 -16.19 7.19 -23.51
C GLN B 524 -15.06 6.80 -22.57
N SER B 525 -14.25 5.81 -22.95
CA SER B 525 -13.15 5.38 -22.08
C SER B 525 -12.14 6.50 -21.86
N GLU B 526 -11.75 7.20 -22.92
CA GLU B 526 -10.75 8.24 -22.80
C GLU B 526 -11.33 9.60 -22.44
N ASP B 527 -12.62 9.81 -22.66
CA ASP B 527 -13.26 11.05 -22.27
C ASP B 527 -13.28 11.15 -20.75
N PRO B 528 -12.58 12.11 -20.14
CA PRO B 528 -12.63 12.22 -18.67
C PRO B 528 -13.98 12.71 -18.17
N GLY B 529 -14.69 13.52 -18.95
CA GLY B 529 -15.99 14.02 -18.53
C GLY B 529 -17.14 13.20 -19.09
N SER B 530 -16.90 11.90 -19.29
CA SER B 530 -17.91 11.00 -19.80
C SER B 530 -18.75 10.44 -18.66
N LEU B 531 -19.55 9.43 -18.96
CA LEU B 531 -20.34 8.75 -17.94
C LEU B 531 -19.68 7.51 -17.40
N LEU B 532 -19.10 6.68 -18.27
CA LEU B 532 -18.46 5.46 -17.83
C LEU B 532 -17.25 5.73 -16.94
N SER B 533 -16.56 6.85 -17.17
CA SER B 533 -15.47 7.23 -16.27
C SER B 533 -15.99 7.54 -14.88
N LEU B 534 -17.15 8.22 -14.79
CA LEU B 534 -17.79 8.44 -13.51
C LEU B 534 -18.07 7.11 -12.82
N PHE B 535 -18.55 6.13 -13.58
CA PHE B 535 -18.86 4.82 -13.02
C PHE B 535 -17.60 4.16 -12.47
N ARG B 536 -16.50 4.19 -13.22
CA ARG B 536 -15.29 3.54 -12.75
C ARG B 536 -14.73 4.23 -11.51
N ARG B 537 -14.70 5.56 -11.51
CA ARG B 537 -14.21 6.29 -10.34
C ARG B 537 -15.05 5.99 -9.11
N LEU B 538 -16.39 6.01 -9.25
CA LEU B 538 -17.26 5.77 -8.11
C LEU B 538 -17.12 4.34 -7.60
N SER B 539 -17.10 3.36 -8.52
CA SER B 539 -16.94 1.98 -8.10
C SER B 539 -15.62 1.76 -7.38
N ASP B 540 -14.53 2.39 -7.82
CA ASP B 540 -13.27 2.28 -7.09
C ASP B 540 -13.35 2.89 -5.71
N GLN B 541 -13.84 4.13 -5.61
CA GLN B 541 -13.93 4.77 -4.30
C GLN B 541 -14.88 4.04 -3.36
N ARG B 542 -15.83 3.28 -3.89
CA ARG B 542 -16.73 2.53 -3.02
C ARG B 542 -16.19 1.16 -2.68
N SER B 543 -15.33 0.59 -3.53
CA SER B 543 -14.75 -0.71 -3.25
C SER B 543 -13.38 -0.62 -2.58
N LYS B 544 -12.92 0.57 -2.20
CA LYS B 544 -11.69 0.62 -1.43
C LYS B 544 -11.76 1.38 -0.10
N GLU B 545 -12.62 2.38 0.06
CA GLU B 545 -12.58 3.22 1.26
C GLU B 545 -13.45 2.60 2.34
N ARG B 546 -12.94 2.58 3.58
CA ARG B 546 -13.72 2.01 4.67
C ARG B 546 -14.90 2.89 5.01
N SER B 547 -14.74 4.21 4.93
CA SER B 547 -15.82 5.09 5.32
C SER B 547 -17.05 4.90 4.45
N LEU B 548 -16.88 4.34 3.25
CA LEU B 548 -18.00 4.03 2.38
C LEU B 548 -18.47 2.59 2.52
N LEU B 549 -17.57 1.67 2.85
CA LEU B 549 -17.94 0.26 2.95
C LEU B 549 -18.96 0.04 4.07
N HIS B 550 -18.56 0.28 5.32
CA HIS B 550 -19.42 -0.05 6.45
C HIS B 550 -19.62 1.15 7.37
N GLY B 551 -19.30 2.34 6.90
CA GLY B 551 -19.43 3.52 7.73
C GLY B 551 -20.86 3.78 8.15
N ASP B 552 -21.02 4.76 9.03
CA ASP B 552 -22.32 5.14 9.51
C ASP B 552 -22.94 6.19 8.59
N PHE B 553 -24.26 6.29 8.64
CA PHE B 553 -25.02 7.17 7.77
C PHE B 553 -25.75 8.22 8.59
N HIS B 554 -25.62 9.48 8.18
CA HIS B 554 -26.30 10.59 8.85
C HIS B 554 -26.61 11.67 7.84
N ALA B 555 -27.87 11.98 7.64
CA ALA B 555 -28.30 13.01 6.71
C ALA B 555 -28.99 14.14 7.46
N PHE B 556 -28.49 15.36 7.26
CA PHE B 556 -29.01 16.53 7.95
C PHE B 556 -29.84 17.36 6.99
N SER B 557 -30.71 18.17 7.56
CA SER B 557 -31.58 19.05 6.77
C SER B 557 -30.75 20.09 6.03
N ALA B 558 -31.27 20.52 4.88
CA ALA B 558 -30.57 21.47 4.02
C ALA B 558 -31.60 22.32 3.31
N GLY B 559 -31.18 22.97 2.23
CA GLY B 559 -32.03 23.88 1.49
C GLY B 559 -33.26 23.24 0.88
N PRO B 560 -34.05 24.04 0.16
CA PRO B 560 -35.33 23.57 -0.41
C PRO B 560 -35.18 22.71 -1.66
N GLY B 561 -34.98 21.42 -1.44
CA GLY B 561 -34.84 20.49 -2.54
C GLY B 561 -33.46 19.85 -2.58
N LEU B 562 -32.78 19.86 -1.45
CA LEU B 562 -31.43 19.33 -1.34
C LEU B 562 -31.42 18.02 -0.56
N PHE B 563 -30.50 17.15 -0.94
CA PHE B 563 -30.25 15.89 -0.27
C PHE B 563 -28.76 15.83 0.05
N SER B 564 -28.42 15.67 1.32
CA SER B 564 -27.03 15.65 1.70
C SER B 564 -26.85 14.82 2.96
N TYR B 565 -25.75 14.09 3.02
CA TYR B 565 -25.44 13.24 4.16
C TYR B 565 -23.93 13.11 4.27
N ILE B 566 -23.49 12.29 5.22
CA ILE B 566 -22.07 12.10 5.49
C ILE B 566 -21.80 10.61 5.64
N ARG B 567 -20.54 10.24 5.44
CA ARG B 567 -20.08 8.88 5.68
C ARG B 567 -18.80 8.94 6.49
N HIS B 568 -18.84 8.40 7.71
CA HIS B 568 -17.69 8.45 8.61
C HIS B 568 -17.63 7.14 9.38
N TRP B 569 -16.48 6.47 9.36
CA TRP B 569 -16.44 5.21 10.09
C TRP B 569 -15.87 5.35 11.49
N ASP B 570 -14.55 5.47 11.63
CA ASP B 570 -13.98 5.78 12.93
C ASP B 570 -12.96 6.90 12.86
N GLN B 571 -11.90 6.66 12.09
CA GLN B 571 -10.79 7.59 11.96
C GLN B 571 -10.26 7.68 10.55
N ASN B 572 -10.87 6.99 9.60
CA ASN B 572 -10.43 7.10 8.21
C ASN B 572 -11.04 8.33 7.56
N GLU B 573 -10.69 8.55 6.31
CA GLU B 573 -11.13 9.74 5.59
C GLU B 573 -12.65 9.80 5.51
N ARG B 574 -13.24 10.82 6.12
CA ARG B 574 -14.68 11.00 6.03
C ARG B 574 -15.09 11.31 4.59
N PHE B 575 -16.36 11.09 4.28
CA PHE B 575 -16.92 11.42 2.98
C PHE B 575 -18.20 12.22 3.15
N LEU B 576 -18.40 13.21 2.28
CA LEU B 576 -19.58 14.05 2.30
C LEU B 576 -20.06 14.26 0.88
N VAL B 577 -21.37 14.21 0.68
CA VAL B 577 -21.98 14.40 -0.63
C VAL B 577 -23.02 15.50 -0.55
N VAL B 578 -23.12 16.28 -1.62
CA VAL B 578 -24.11 17.34 -1.76
C VAL B 578 -24.89 17.06 -3.03
N LEU B 579 -26.21 16.93 -2.91
CA LEU B 579 -27.05 16.48 -4.01
C LEU B 579 -28.26 17.38 -4.12
N ASN B 580 -28.57 17.80 -5.35
CA ASN B 580 -29.69 18.68 -5.63
C ASN B 580 -30.64 18.03 -6.62
N PHE B 581 -31.89 17.83 -6.22
CA PHE B 581 -32.91 17.32 -7.13
C PHE B 581 -33.73 18.46 -7.73
N GLY B 582 -33.04 19.45 -8.28
CA GLY B 582 -33.70 20.61 -8.83
C GLY B 582 -33.02 21.11 -10.09
N ASP B 583 -33.84 21.68 -10.97
CA ASP B 583 -33.36 22.30 -12.21
C ASP B 583 -32.94 23.74 -11.99
N VAL B 584 -32.80 24.18 -10.74
CA VAL B 584 -32.48 25.55 -10.40
C VAL B 584 -31.18 25.59 -9.61
N GLY B 585 -30.46 26.70 -9.76
CA GLY B 585 -29.23 26.88 -9.00
C GLY B 585 -29.53 27.32 -7.59
N LEU B 586 -28.82 26.73 -6.63
CA LEU B 586 -29.03 27.05 -5.22
C LEU B 586 -27.71 27.30 -4.54
N SER B 587 -27.75 28.06 -3.44
CA SER B 587 -26.56 28.20 -2.61
C SER B 587 -26.46 27.00 -1.67
N ALA B 588 -25.36 26.27 -1.78
CA ALA B 588 -25.21 25.03 -1.04
C ALA B 588 -24.87 25.29 0.42
N GLY B 589 -25.83 25.82 1.18
CA GLY B 589 -25.61 26.00 2.61
C GLY B 589 -25.74 24.69 3.35
N LEU B 590 -24.72 24.37 4.14
CA LEU B 590 -24.65 23.14 4.92
C LEU B 590 -24.76 23.49 6.39
N GLN B 591 -25.98 23.46 6.91
CA GLN B 591 -26.26 23.79 8.31
C GLN B 591 -26.90 22.59 8.98
N ALA B 592 -26.15 21.93 9.86
CA ALA B 592 -26.61 20.75 10.55
C ALA B 592 -26.80 20.97 12.05
N SER B 593 -25.73 21.38 12.75
CA SER B 593 -25.74 21.60 14.19
C SER B 593 -26.24 20.39 14.97
N ASP B 594 -26.13 19.19 14.39
CA ASP B 594 -26.47 17.98 15.11
C ASP B 594 -25.46 16.86 14.93
N LEU B 595 -24.34 17.10 14.25
CA LEU B 595 -23.40 16.04 13.96
C LEU B 595 -22.67 15.60 15.23
N PRO B 596 -22.34 14.31 15.32
CA PRO B 596 -21.66 13.81 16.52
C PRO B 596 -20.29 14.44 16.71
N ALA B 597 -19.70 14.18 17.87
CA ALA B 597 -18.40 14.77 18.19
C ALA B 597 -17.30 14.24 17.30
N SER B 598 -17.33 12.95 16.96
CA SER B 598 -16.33 12.41 16.06
C SER B 598 -16.62 12.73 14.60
N ALA B 599 -17.73 13.40 14.31
CA ALA B 599 -18.12 13.79 12.96
C ALA B 599 -18.40 15.28 12.91
N SER B 600 -17.57 16.06 13.60
CA SER B 600 -17.72 17.50 13.60
C SER B 600 -17.31 18.06 12.25
N LEU B 601 -18.24 18.75 11.59
CA LEU B 601 -17.97 19.27 10.27
C LEU B 601 -16.99 20.42 10.35
N PRO B 602 -15.86 20.34 9.66
CA PRO B 602 -14.92 21.47 9.62
C PRO B 602 -15.38 22.53 8.64
N ALA B 603 -14.61 23.62 8.58
CA ALA B 603 -14.96 24.72 7.69
C ALA B 603 -14.30 24.58 6.33
N LYS B 604 -13.29 23.72 6.21
CA LYS B 604 -12.57 23.55 4.95
C LYS B 604 -12.33 22.07 4.71
N ALA B 605 -12.57 21.62 3.49
CA ALA B 605 -12.32 20.25 3.08
C ALA B 605 -11.96 20.21 1.60
N ASP B 606 -11.39 19.09 1.17
CA ASP B 606 -10.99 18.93 -0.22
C ASP B 606 -12.21 18.60 -1.07
N LEU B 607 -11.95 18.22 -2.32
CA LEU B 607 -12.99 17.79 -3.25
C LEU B 607 -12.44 16.64 -4.09
N LEU B 608 -13.34 15.75 -4.51
CA LEU B 608 -12.93 14.60 -5.31
C LEU B 608 -13.42 14.65 -6.76
N LEU B 609 -14.72 14.90 -6.96
CA LEU B 609 -15.25 15.02 -8.32
C LEU B 609 -16.64 15.63 -8.24
N SER B 610 -17.15 16.03 -9.41
CA SER B 610 -18.49 16.56 -9.54
C SER B 610 -19.16 15.92 -10.76
N THR B 611 -20.49 16.03 -10.81
CA THR B 611 -21.22 15.49 -11.95
C THR B 611 -20.95 16.28 -13.23
N GLN B 612 -21.16 17.59 -13.20
CA GLN B 612 -20.91 18.42 -14.37
C GLN B 612 -19.61 19.20 -14.19
N PRO B 613 -18.86 19.41 -15.27
CA PRO B 613 -17.55 20.06 -15.12
C PRO B 613 -17.67 21.51 -14.68
N GLY B 614 -16.52 22.07 -14.31
CA GLY B 614 -16.49 23.45 -13.87
C GLY B 614 -15.51 23.73 -12.75
N ARG B 615 -15.05 22.68 -12.07
CA ARG B 615 -14.09 22.82 -10.98
C ARG B 615 -13.00 21.77 -11.13
N GLU B 616 -12.05 21.80 -10.21
CA GLU B 616 -10.85 20.97 -10.27
C GLU B 616 -10.70 20.16 -8.99
N GLU B 617 -10.10 18.98 -9.12
CA GLU B 617 -9.84 18.12 -7.97
C GLU B 617 -8.64 18.62 -7.19
N GLY B 618 -8.47 18.08 -5.99
CA GLY B 618 -7.37 18.43 -5.11
C GLY B 618 -7.40 19.84 -4.58
N SER B 619 -8.33 20.67 -5.03
CA SER B 619 -8.43 22.05 -4.58
C SER B 619 -9.19 22.09 -3.26
N PRO B 620 -8.61 22.63 -2.19
CA PRO B 620 -9.35 22.75 -0.93
C PRO B 620 -10.40 23.85 -1.02
N LEU B 621 -11.65 23.49 -0.76
CA LEU B 621 -12.74 24.45 -0.74
C LEU B 621 -13.21 24.68 0.70
N GLU B 622 -13.56 25.91 1.01
CA GLU B 622 -14.11 26.24 2.32
C GLU B 622 -15.59 25.86 2.35
N LEU B 623 -16.02 25.23 3.44
CA LEU B 623 -17.34 24.62 3.49
C LEU B 623 -18.39 25.55 4.09
N GLU B 624 -18.44 26.81 3.64
CA GLU B 624 -19.58 27.65 3.96
C GLU B 624 -20.25 28.23 2.74
N ARG B 625 -19.49 28.88 1.85
CA ARG B 625 -20.05 29.55 0.68
C ARG B 625 -19.83 28.70 -0.57
N LEU B 626 -20.67 27.66 -0.68
CA LEU B 626 -20.63 26.76 -1.83
C LEU B 626 -21.71 27.17 -2.83
N LYS B 627 -21.31 27.30 -4.10
CA LYS B 627 -22.25 27.55 -5.18
C LYS B 627 -22.65 26.20 -5.78
N LEU B 628 -23.94 26.06 -6.10
CA LEU B 628 -24.49 24.80 -6.59
C LEU B 628 -25.31 25.09 -7.84
N GLU B 629 -24.88 24.55 -8.98
CA GLU B 629 -25.61 24.67 -10.22
C GLU B 629 -26.65 23.55 -10.33
N PRO B 630 -27.64 23.71 -11.19
CA PRO B 630 -28.68 22.67 -11.31
C PRO B 630 -28.08 21.30 -11.62
N HIS B 631 -28.57 20.28 -10.90
CA HIS B 631 -28.12 18.91 -11.06
C HIS B 631 -26.62 18.78 -10.82
N GLU B 632 -26.21 19.12 -9.61
CA GLU B 632 -24.80 19.06 -9.21
C GLU B 632 -24.64 18.14 -8.01
N GLY B 633 -23.65 17.25 -8.10
CA GLY B 633 -23.32 16.38 -6.99
C GLY B 633 -21.85 16.50 -6.64
N LEU B 634 -21.55 16.59 -5.35
CA LEU B 634 -20.19 16.87 -4.90
C LEU B 634 -19.72 15.77 -3.97
N LEU B 635 -18.40 15.70 -3.80
CA LEU B 635 -17.74 14.69 -2.98
C LEU B 635 -16.70 15.34 -2.06
N LEU B 636 -17.12 16.36 -1.32
CA LEU B 636 -16.21 17.00 -0.38
C LEU B 636 -15.74 16.00 0.68
N ARG B 637 -14.43 15.98 0.90
CA ARG B 637 -13.79 15.01 1.80
C ARG B 637 -12.97 15.73 2.85
N PHE B 638 -13.19 15.37 4.11
CA PHE B 638 -12.45 15.98 5.21
C PHE B 638 -11.87 14.89 6.09
N PRO B 639 -10.59 14.99 6.46
CA PRO B 639 -9.94 13.89 7.20
C PRO B 639 -10.31 13.92 8.67
N TYR B 640 -9.72 12.97 9.41
CA TYR B 640 -10.08 12.73 10.80
C TYR B 640 -9.54 13.83 11.70
N ALA B 641 -10.33 14.21 12.69
CA ALA B 641 -9.93 15.23 13.65
C ALA B 641 -10.62 14.93 14.98
N ALA B 642 -10.56 15.89 15.89
CA ALA B 642 -11.21 15.74 17.20
C ALA B 642 -12.72 15.92 17.08
N LEU C . 17.78 -2.99 2.22
CA LEU C . 16.67 -2.50 3.03
C LEU C . 15.39 -2.84 2.31
O LEU C . 14.35 -2.32 2.63
CB LEU C . 16.80 -1.01 3.31
CG LEU C . 18.15 -0.56 3.88
CD1 LEU C . 18.00 -0.14 5.32
CD2 LEU C . 18.72 0.58 3.05
OXT LEU C . 15.36 -3.65 1.43
#